data_1NPB
#
_entry.id   1NPB
#
_cell.length_a   208.597
_cell.length_b   208.597
_cell.length_c   136.358
_cell.angle_alpha   90.00
_cell.angle_beta   90.00
_cell.angle_gamma   90.00
#
_symmetry.space_group_name_H-M   'I 4 2 2'
#
loop_
_entity.id
_entity.type
_entity.pdbx_description
1 polymer 'fosfomycin-resistance protein'
2 non-polymer 'SULFATE ION'
3 non-polymer GLYCEROL
4 water water
#
_entity_poly.entity_id   1
_entity_poly.type   'polypeptide(L)'
_entity_poly.pdbx_seq_one_letter_code
;MLQSLNHLTLAVSDLQKSVTFWHELLGLTLHARWNTGAYLTCGDLWVCLSYDEARQYVPPQESDYTHYAFTVAEEDFEPL
SQRLEQAGVTIWKQNKSEGASFYFLDPDGHKLELHVGSLAARLAACREKPYAGMVFTSDEA
;
_entity_poly.pdbx_strand_id   A,B,C,D,E,F
#
# COMPACT_ATOMS: atom_id res chain seq x y z
N MET A 1 -12.22 25.84 -27.58
CA MET A 1 -11.30 24.74 -28.00
C MET A 1 -9.85 25.19 -27.86
N LEU A 2 -9.19 24.63 -26.85
CA LEU A 2 -7.77 24.71 -26.79
C LEU A 2 -7.32 23.63 -27.75
N GLN A 3 -6.36 23.94 -28.62
CA GLN A 3 -5.94 23.00 -29.66
C GLN A 3 -4.89 22.01 -29.18
N SER A 4 -4.04 22.43 -28.24
CA SER A 4 -2.95 21.59 -27.75
C SER A 4 -2.24 22.37 -26.67
N LEU A 5 -1.30 21.71 -25.99
CA LEU A 5 -0.38 22.43 -25.14
C LEU A 5 0.50 23.30 -26.05
N ASN A 6 0.56 24.59 -25.75
CA ASN A 6 1.45 25.45 -26.51
C ASN A 6 2.88 25.41 -25.98
N HIS A 7 3.08 25.60 -24.68
CA HIS A 7 4.41 25.44 -24.08
C HIS A 7 4.36 25.23 -22.58
N LEU A 8 5.42 24.63 -22.03
CA LEU A 8 5.55 24.47 -20.60
C LEU A 8 6.65 25.44 -20.11
N THR A 9 6.31 26.33 -19.21
CA THR A 9 7.34 27.20 -18.65
C THR A 9 7.64 26.78 -17.24
N LEU A 10 8.91 26.61 -16.92
CA LEU A 10 9.32 26.24 -15.56
C LEU A 10 10.14 27.37 -14.97
N ALA A 11 9.78 27.83 -13.77
CA ALA A 11 10.59 28.78 -13.06
C ALA A 11 11.89 28.13 -12.55
N VAL A 12 13.03 28.76 -12.82
CA VAL A 12 14.30 28.20 -12.35
C VAL A 12 15.10 29.23 -11.56
N SER A 13 16.03 28.75 -10.74
CA SER A 13 16.82 29.64 -9.88
C SER A 13 18.17 29.91 -10.47
N ASP A 14 18.66 28.98 -11.28
CA ASP A 14 20.02 29.01 -11.78
C ASP A 14 20.01 28.49 -13.20
N LEU A 15 19.89 29.42 -14.12
CA LEU A 15 19.70 29.12 -15.52
C LEU A 15 20.80 28.21 -16.08
N GLN A 16 22.04 28.47 -15.76
CA GLN A 16 23.12 27.61 -16.25
C GLN A 16 22.93 26.15 -15.82
N LYS A 17 22.73 25.92 -14.52
CA LYS A 17 22.47 24.58 -14.02
C LYS A 17 21.27 23.91 -14.70
N SER A 18 20.19 24.66 -14.88
CA SER A 18 18.98 24.12 -15.47
C SER A 18 19.15 23.76 -16.93
N VAL A 19 19.85 24.61 -17.68
CA VAL A 19 20.08 24.33 -19.09
C VAL A 19 20.97 23.11 -19.20
N THR A 20 22.01 23.04 -18.40
CA THR A 20 22.83 21.85 -18.42
C THR A 20 21.97 20.56 -18.22
N PHE A 21 21.06 20.61 -17.26
CA PHE A 21 20.26 19.44 -16.86
C PHE A 21 19.30 19.07 -17.98
N TRP A 22 18.57 20.06 -18.48
CA TRP A 22 17.52 19.83 -19.46
C TRP A 22 18.05 19.52 -20.84
N HIS A 23 19.11 20.23 -21.22
CA HIS A 23 19.74 20.05 -22.53
C HIS A 23 20.77 18.91 -22.57
N GLU A 24 21.70 18.87 -21.62
CA GLU A 24 22.78 17.87 -21.70
C GLU A 24 22.39 16.52 -21.11
N LEU A 25 21.86 16.51 -19.88
CA LEU A 25 21.45 15.26 -19.22
C LEU A 25 20.16 14.69 -19.85
N LEU A 26 19.12 15.51 -19.97
CA LEU A 26 17.85 15.00 -20.49
C LEU A 26 17.84 15.01 -22.00
N GLY A 27 18.75 15.76 -22.60
CA GLY A 27 18.92 15.77 -24.04
C GLY A 27 17.89 16.53 -24.85
N LEU A 28 17.13 17.45 -24.25
CA LEU A 28 16.22 18.26 -25.06
C LEU A 28 17.04 19.13 -26.00
N THR A 29 16.47 19.45 -27.16
CA THR A 29 17.20 20.32 -28.08
C THR A 29 17.06 21.81 -27.68
N LEU A 30 18.18 22.51 -27.62
CA LEU A 30 18.23 23.92 -27.26
C LEU A 30 18.07 24.76 -28.50
N HIS A 31 17.11 25.69 -28.51
CA HIS A 31 16.95 26.59 -29.67
C HIS A 31 17.48 27.98 -29.41
N ALA A 32 17.27 28.50 -28.21
CA ALA A 32 17.74 29.84 -27.89
C ALA A 32 17.95 29.98 -26.39
N ARG A 33 18.76 30.97 -26.05
CA ARG A 33 19.14 31.21 -24.67
C ARG A 33 19.38 32.71 -24.54
N TRP A 34 18.95 33.29 -23.42
CA TRP A 34 19.28 34.68 -23.13
C TRP A 34 19.67 34.81 -21.66
N ASN A 35 19.80 36.03 -21.15
CA ASN A 35 20.25 36.18 -19.76
C ASN A 35 19.33 35.56 -18.71
N THR A 36 18.01 35.55 -18.97
CA THR A 36 17.04 35.07 -17.97
C THR A 36 16.09 34.00 -18.50
N GLY A 37 16.48 33.27 -19.52
CA GLY A 37 15.68 32.12 -19.92
C GLY A 37 16.31 31.34 -21.05
N ALA A 38 15.63 30.25 -21.42
CA ALA A 38 16.05 29.41 -22.53
C ALA A 38 14.83 28.78 -23.16
N TYR A 39 14.91 28.50 -24.46
CA TYR A 39 13.82 27.80 -25.14
C TYR A 39 14.35 26.48 -25.64
N LEU A 40 13.64 25.40 -25.29
CA LEU A 40 14.05 24.05 -25.68
C LEU A 40 12.86 23.30 -26.25
N THR A 41 13.12 22.23 -26.97
CA THR A 41 12.06 21.34 -27.38
C THR A 41 12.29 19.91 -26.99
N CYS A 42 11.17 19.26 -26.76
CA CYS A 42 11.08 17.86 -26.47
C CYS A 42 10.05 17.34 -27.45
N GLY A 43 10.48 16.69 -28.53
CA GLY A 43 9.58 16.44 -29.67
C GLY A 43 8.87 17.71 -30.17
N ASP A 44 7.53 17.68 -30.30
CA ASP A 44 6.68 18.87 -30.61
C ASP A 44 6.53 19.90 -29.42
N LEU A 45 7.00 19.55 -28.23
CA LEU A 45 6.86 20.41 -27.04
C LEU A 45 7.90 21.50 -26.85
N TRP A 46 7.42 22.74 -26.83
CA TRP A 46 8.19 23.90 -26.49
C TRP A 46 8.27 23.99 -25.00
N VAL A 47 9.49 23.96 -24.47
CA VAL A 47 9.71 24.03 -23.04
C VAL A 47 10.46 25.32 -22.86
N CYS A 48 10.04 26.14 -21.90
CA CYS A 48 10.80 27.34 -21.63
C CYS A 48 11.29 27.29 -20.18
N LEU A 49 12.58 27.49 -19.98
CA LEU A 49 13.15 27.66 -18.65
C LEU A 49 13.28 29.17 -18.37
N SER A 50 12.63 29.64 -17.34
CA SER A 50 12.55 31.07 -17.10
C SER A 50 13.08 31.39 -15.73
N TYR A 51 14.12 32.21 -15.68
CA TYR A 51 14.71 32.60 -14.40
C TYR A 51 13.68 33.39 -13.58
N ASP A 52 13.54 33.03 -12.33
CA ASP A 52 12.59 33.72 -11.46
C ASP A 52 13.23 33.91 -10.09
N GLU A 53 13.47 35.16 -9.73
CA GLU A 53 13.97 35.57 -8.42
C GLU A 53 13.33 34.87 -7.22
N ALA A 54 12.07 34.45 -7.39
CA ALA A 54 11.29 33.86 -6.31
C ALA A 54 11.50 32.34 -6.23
N ARG A 55 12.18 31.75 -7.21
CA ARG A 55 12.31 30.31 -7.19
C ARG A 55 13.48 29.87 -6.33
N GLN A 56 13.19 28.98 -5.39
CA GLN A 56 14.24 28.28 -4.65
C GLN A 56 14.02 26.78 -4.90
N TYR A 57 14.95 25.95 -4.44
CA TYR A 57 14.72 24.53 -4.52
C TYR A 57 13.53 24.17 -3.64
N VAL A 58 12.61 23.40 -4.18
CA VAL A 58 11.43 22.97 -3.40
C VAL A 58 11.50 21.48 -3.09
N PRO A 59 11.80 21.08 -1.85
CA PRO A 59 11.86 19.65 -1.48
C PRO A 59 10.60 18.90 -1.92
N PRO A 60 10.71 17.66 -2.40
CA PRO A 60 9.54 16.97 -2.96
C PRO A 60 8.45 16.84 -1.91
N GLN A 61 8.79 16.85 -0.63
CA GLN A 61 7.72 16.71 0.37
C GLN A 61 6.99 18.03 0.66
N GLU A 62 7.49 19.13 0.11
CA GLU A 62 6.89 20.47 0.24
C GLU A 62 6.03 20.84 -0.96
N SER A 63 6.09 20.06 -2.03
CA SER A 63 5.30 20.41 -3.18
C SER A 63 4.28 19.29 -3.34
N ASP A 64 3.18 19.52 -4.04
CA ASP A 64 2.13 18.51 -4.22
C ASP A 64 2.41 17.70 -5.45
N TYR A 65 1.41 16.98 -5.92
CA TYR A 65 1.60 15.90 -6.87
C TYR A 65 1.70 16.39 -8.33
N THR A 66 1.54 17.70 -8.53
CA THR A 66 1.69 18.24 -9.87
C THR A 66 3.01 17.78 -10.44
N HIS A 67 2.99 17.12 -11.59
CA HIS A 67 4.21 16.58 -12.20
C HIS A 67 4.13 16.51 -13.75
N TYR A 68 5.29 16.47 -14.42
CA TYR A 68 5.41 16.46 -15.87
C TYR A 68 6.02 15.12 -16.27
N ALA A 69 5.23 14.33 -16.99
CA ALA A 69 5.68 13.03 -17.48
C ALA A 69 6.12 13.16 -18.93
N PHE A 70 7.19 12.46 -19.29
CA PHE A 70 7.81 12.54 -20.61
C PHE A 70 7.93 11.15 -21.13
N THR A 71 7.62 10.98 -22.42
CA THR A 71 7.61 9.66 -23.02
C THR A 71 8.99 9.20 -23.34
N VAL A 72 9.28 7.96 -22.96
CA VAL A 72 10.47 7.28 -23.44
C VAL A 72 10.08 5.95 -24.09
N ALA A 73 10.94 5.52 -25.01
CA ALA A 73 10.81 4.23 -25.65
C ALA A 73 11.02 3.20 -24.58
N GLU A 74 10.58 1.99 -24.86
CA GLU A 74 10.54 0.95 -23.85
C GLU A 74 11.96 0.45 -23.59
N GLU A 75 12.73 0.30 -24.66
CA GLU A 75 14.14 -0.09 -24.62
C GLU A 75 15.00 1.00 -23.98
N ASP A 76 14.52 2.24 -23.99
CA ASP A 76 15.21 3.38 -23.39
C ASP A 76 15.00 3.51 -21.87
N PHE A 77 13.97 2.89 -21.31
CA PHE A 77 13.57 3.16 -19.92
C PHE A 77 14.62 2.81 -18.86
N GLU A 78 14.90 1.51 -18.74
CA GLU A 78 15.95 1.08 -17.81
C GLU A 78 17.26 1.86 -18.01
N PRO A 79 17.83 1.87 -19.21
CA PRO A 79 19.12 2.52 -19.39
C PRO A 79 19.03 4.02 -19.13
N LEU A 80 17.93 4.63 -19.49
CA LEU A 80 17.78 6.04 -19.14
C LEU A 80 17.68 6.27 -17.59
N SER A 81 16.83 5.48 -16.91
CA SER A 81 16.73 5.44 -15.43
C SER A 81 18.09 5.41 -14.77
N GLN A 82 18.90 4.42 -15.15
CA GLN A 82 20.18 4.23 -14.51
C GLN A 82 21.12 5.37 -14.85
N ARG A 83 20.94 5.98 -16.01
CA ARG A 83 21.81 7.07 -16.41
C ARG A 83 21.46 8.28 -15.55
N LEU A 84 20.18 8.43 -15.29
CA LEU A 84 19.72 9.48 -14.40
C LEU A 84 20.20 9.18 -12.94
N GLU A 85 20.00 7.96 -12.46
CA GLU A 85 20.51 7.56 -11.14
C GLU A 85 22.01 7.83 -11.00
N GLN A 86 22.78 7.49 -12.04
CA GLN A 86 24.20 7.70 -12.01
C GLN A 86 24.53 9.20 -12.01
N ALA A 87 23.68 10.02 -12.62
CA ALA A 87 23.89 11.45 -12.52
C ALA A 87 23.51 12.07 -11.17
N GLY A 88 23.03 11.30 -10.19
CA GLY A 88 22.69 11.85 -8.88
C GLY A 88 21.39 12.67 -8.85
N VAL A 89 20.53 12.36 -9.80
CA VAL A 89 19.18 12.87 -9.81
C VAL A 89 18.45 12.41 -8.52
N THR A 90 17.53 13.23 -7.99
CA THR A 90 16.69 12.81 -6.87
C THR A 90 15.40 12.09 -7.32
N ILE A 91 15.12 10.94 -6.69
CA ILE A 91 13.91 10.18 -6.94
C ILE A 91 12.89 10.60 -5.90
N TRP A 92 11.69 11.00 -6.33
CA TRP A 92 10.69 11.54 -5.40
C TRP A 92 9.51 10.60 -5.14
N LYS A 93 9.49 9.44 -5.80
CA LYS A 93 8.38 8.52 -5.66
C LYS A 93 8.81 7.14 -6.10
N GLN A 94 8.30 6.12 -5.41
CA GLN A 94 8.47 4.76 -5.85
C GLN A 94 7.34 4.38 -6.80
N ASN A 95 7.69 3.85 -7.96
CA ASN A 95 6.68 3.33 -8.87
C ASN A 95 6.04 2.08 -8.29
N LYS A 96 4.77 2.21 -7.88
CA LYS A 96 4.09 1.05 -7.31
C LYS A 96 3.07 0.42 -8.27
N SER A 97 2.85 1.08 -9.40
CA SER A 97 2.10 0.52 -10.53
C SER A 97 2.81 -0.67 -11.27
N GLU A 98 2.12 -1.17 -12.30
CA GLU A 98 2.57 -2.34 -13.07
C GLU A 98 3.14 -1.89 -14.43
N GLY A 99 3.12 -0.57 -14.67
CA GLY A 99 3.66 0.06 -15.88
C GLY A 99 5.06 0.57 -15.60
N ALA A 100 5.72 1.16 -16.58
CA ALA A 100 7.08 1.62 -16.36
C ALA A 100 7.13 3.16 -16.13
N SER A 101 7.46 3.54 -14.90
CA SER A 101 7.49 4.94 -14.48
C SER A 101 8.61 5.22 -13.51
N PHE A 102 9.36 6.28 -13.78
CA PHE A 102 10.54 6.67 -12.98
C PHE A 102 10.35 8.15 -12.59
N TYR A 103 10.35 8.42 -11.30
CA TYR A 103 9.98 9.75 -10.78
C TYR A 103 11.17 10.53 -10.25
N PHE A 104 11.46 11.66 -10.86
CA PHE A 104 12.71 12.35 -10.51
C PHE A 104 12.53 13.87 -10.58
N LEU A 105 13.41 14.61 -9.90
CA LEU A 105 13.34 16.06 -9.77
C LEU A 105 14.32 16.72 -10.70
N ASP A 106 13.95 17.88 -11.22
CA ASP A 106 14.92 18.74 -11.90
C ASP A 106 15.70 19.53 -10.84
N PRO A 107 16.73 20.31 -11.21
CA PRO A 107 17.59 20.94 -10.18
C PRO A 107 16.82 21.78 -9.13
N ASP A 108 15.67 22.38 -9.49
CA ASP A 108 14.87 23.19 -8.55
C ASP A 108 13.76 22.42 -7.87
N GLY A 109 13.61 21.13 -8.16
CA GLY A 109 12.55 20.37 -7.53
C GLY A 109 11.29 20.13 -8.35
N HIS A 110 11.22 20.67 -9.56
CA HIS A 110 10.07 20.37 -10.42
C HIS A 110 9.96 18.87 -10.51
N LYS A 111 8.76 18.35 -10.32
CA LYS A 111 8.57 16.89 -10.32
C LYS A 111 8.39 16.44 -11.76
N LEU A 112 9.27 15.53 -12.20
CA LEU A 112 9.21 14.95 -13.54
C LEU A 112 9.09 13.43 -13.49
N GLU A 113 8.83 12.84 -14.66
CA GLU A 113 8.57 11.42 -14.75
C GLU A 113 8.95 10.92 -16.15
N LEU A 114 9.69 9.81 -16.19
CA LEU A 114 9.85 8.98 -17.40
C LEU A 114 8.70 8.01 -17.37
N HIS A 115 7.95 7.90 -18.46
CA HIS A 115 6.85 6.98 -18.58
C HIS A 115 6.79 6.32 -19.95
N VAL A 116 6.60 5.02 -19.93
CA VAL A 116 6.35 4.23 -21.13
C VAL A 116 4.87 3.98 -21.13
N GLY A 117 4.23 4.35 -22.22
CA GLY A 117 2.83 4.02 -22.40
C GLY A 117 1.94 5.22 -22.63
N SER A 118 0.97 4.99 -23.49
CA SER A 118 -0.01 6.00 -23.86
C SER A 118 -1.20 6.08 -22.87
N LEU A 119 -2.01 7.13 -23.03
CA LEU A 119 -3.32 7.17 -22.41
C LEU A 119 -4.12 5.88 -22.73
N ALA A 120 -4.18 5.51 -24.01
CA ALA A 120 -4.89 4.31 -24.42
C ALA A 120 -4.45 3.09 -23.62
N ALA A 121 -3.13 2.98 -23.37
CA ALA A 121 -2.63 1.84 -22.63
C ALA A 121 -3.08 1.90 -21.17
N ARG A 122 -3.01 3.07 -20.52
CA ARG A 122 -3.50 3.24 -19.15
C ARG A 122 -4.98 2.87 -19.01
N LEU A 123 -5.79 3.43 -19.89
CA LEU A 123 -7.18 3.05 -20.00
C LEU A 123 -7.39 1.54 -20.09
N ALA A 124 -6.72 0.89 -21.02
CA ALA A 124 -6.92 -0.56 -21.19
C ALA A 124 -6.50 -1.33 -19.89
N ALA A 125 -5.37 -0.95 -19.29
CA ALA A 125 -4.97 -1.49 -17.99
C ALA A 125 -6.06 -1.23 -16.90
N CYS A 126 -6.56 0.00 -16.84
CA CYS A 126 -7.70 0.34 -16.00
C CYS A 126 -9.01 -0.45 -16.27
N ARG A 127 -9.29 -0.83 -17.51
CA ARG A 127 -10.46 -1.69 -17.75
C ARG A 127 -10.32 -3.04 -17.07
N GLU A 128 -9.10 -3.57 -17.13
CA GLU A 128 -8.77 -4.87 -16.52
C GLU A 128 -8.73 -4.79 -14.98
N LYS A 129 -8.26 -3.67 -14.44
CA LYS A 129 -8.06 -3.52 -13.00
C LYS A 129 -8.42 -2.09 -12.60
N PRO A 130 -9.71 -1.77 -12.59
CA PRO A 130 -10.14 -0.37 -12.44
C PRO A 130 -9.90 0.21 -11.05
N TYR A 131 -9.69 1.53 -11.03
CA TYR A 131 -9.57 2.27 -9.78
C TYR A 131 -10.95 2.39 -9.16
N ALA A 132 -11.00 2.67 -7.86
CA ALA A 132 -12.28 2.92 -7.21
C ALA A 132 -13.02 4.08 -7.87
N GLY A 133 -14.30 3.86 -8.12
CA GLY A 133 -15.16 4.86 -8.72
C GLY A 133 -14.93 5.09 -10.20
N MET A 134 -14.15 4.21 -10.84
CA MET A 134 -13.78 4.38 -12.23
C MET A 134 -15.01 4.44 -13.16
N VAL A 135 -15.09 5.53 -13.93
CA VAL A 135 -16.04 5.69 -15.02
C VAL A 135 -15.25 5.86 -16.33
N PHE A 136 -15.61 5.11 -17.35
CA PHE A 136 -14.99 5.27 -18.65
C PHE A 136 -15.96 6.01 -19.56
N THR A 137 -15.48 7.07 -20.21
CA THR A 137 -16.39 7.91 -21.00
C THR A 137 -17.07 7.18 -22.18
N SER A 138 -16.39 6.20 -22.80
CA SER A 138 -17.06 5.33 -23.79
C SER A 138 -18.25 4.49 -23.20
N ASP A 139 -19.40 5.13 -23.17
CA ASP A 139 -20.69 4.61 -22.66
C ASP A 139 -21.71 5.76 -22.78
N GLU A 140 -22.36 5.86 -23.95
CA GLU A 140 -23.19 7.02 -24.36
C GLU A 140 -24.39 7.31 -23.45
N MET B 1 16.22 9.21 -26.09
CA MET B 1 15.86 10.61 -25.74
C MET B 1 14.47 10.71 -25.11
N LEU B 2 14.15 11.85 -24.52
CA LEU B 2 12.77 12.08 -24.17
C LEU B 2 12.05 12.35 -25.48
N GLN B 3 11.04 11.55 -25.85
CA GLN B 3 10.36 11.65 -27.17
C GLN B 3 9.36 12.82 -27.22
N SER B 4 8.68 13.08 -26.10
CA SER B 4 7.63 14.10 -26.05
C SER B 4 7.12 14.17 -24.64
N LEU B 5 6.26 15.14 -24.37
CA LEU B 5 5.51 15.16 -23.13
C LEU B 5 4.55 13.98 -23.16
N ASN B 6 4.64 13.11 -22.16
CA ASN B 6 3.70 12.00 -22.04
C ASN B 6 2.36 12.44 -21.45
N HIS B 7 2.41 13.23 -20.38
CA HIS B 7 1.19 13.76 -19.77
C HIS B 7 1.51 14.79 -18.73
N LEU B 8 0.54 15.67 -18.52
CA LEU B 8 0.62 16.74 -17.55
C LEU B 8 -0.29 16.38 -16.40
N THR B 9 0.23 16.31 -15.19
CA THR B 9 -0.62 16.00 -14.05
C THR B 9 -0.71 17.23 -13.18
N LEU B 10 -1.93 17.65 -12.86
CA LEU B 10 -2.16 18.77 -11.98
C LEU B 10 -2.81 18.31 -10.69
N ALA B 11 -2.25 18.70 -9.54
CA ALA B 11 -2.84 18.40 -8.22
C ALA B 11 -4.06 19.29 -8.06
N VAL B 12 -5.19 18.69 -7.67
CA VAL B 12 -6.41 19.48 -7.44
C VAL B 12 -7.03 19.19 -6.09
N SER B 13 -7.86 20.13 -5.59
CA SER B 13 -8.43 19.97 -4.26
C SER B 13 -9.86 19.50 -4.31
N ASP B 14 -10.55 19.85 -5.39
CA ASP B 14 -11.94 19.52 -5.55
C ASP B 14 -12.13 19.00 -6.98
N LEU B 15 -12.14 17.68 -7.12
CA LEU B 15 -12.16 17.07 -8.42
C LEU B 15 -13.35 17.47 -9.25
N GLN B 16 -14.52 17.53 -8.65
CA GLN B 16 -15.73 17.95 -9.35
C GLN B 16 -15.59 19.35 -9.96
N LYS B 17 -15.16 20.33 -9.15
CA LYS B 17 -14.96 21.68 -9.64
C LYS B 17 -13.93 21.69 -10.75
N SER B 18 -12.90 20.86 -10.64
CA SER B 18 -11.80 20.92 -11.59
C SER B 18 -12.21 20.31 -12.92
N VAL B 19 -12.85 19.15 -12.87
CA VAL B 19 -13.40 18.55 -14.08
C VAL B 19 -14.38 19.51 -14.77
N THR B 20 -15.25 20.16 -14.02
CA THR B 20 -16.18 21.11 -14.65
C THR B 20 -15.40 22.19 -15.43
N PHE B 21 -14.35 22.70 -14.80
CA PHE B 21 -13.59 23.78 -15.38
C PHE B 21 -12.80 23.34 -16.62
N TRP B 22 -12.11 22.22 -16.53
CA TRP B 22 -11.26 21.79 -17.63
C TRP B 22 -12.04 21.16 -18.77
N HIS B 23 -13.12 20.45 -18.41
CA HIS B 23 -13.93 19.79 -19.41
C HIS B 23 -15.02 20.71 -20.02
N GLU B 24 -15.77 21.41 -19.18
CA GLU B 24 -16.88 22.20 -19.72
C GLU B 24 -16.44 23.62 -20.15
N LEU B 25 -15.76 24.34 -19.26
CA LEU B 25 -15.28 25.69 -19.54
C LEU B 25 -14.21 25.66 -20.59
N LEU B 26 -13.18 24.85 -20.42
CA LEU B 26 -12.06 24.89 -21.33
C LEU B 26 -12.25 23.92 -22.49
N GLY B 27 -13.23 23.04 -22.39
CA GLY B 27 -13.60 22.16 -23.48
C GLY B 27 -12.70 20.96 -23.74
N LEU B 28 -11.81 20.59 -22.81
CA LEU B 28 -10.99 19.39 -23.01
C LEU B 28 -11.89 18.17 -23.10
N THR B 29 -11.50 17.19 -23.90
CA THR B 29 -12.29 15.97 -23.88
C THR B 29 -11.97 15.02 -22.69
N LEU B 30 -13.02 14.53 -22.07
CA LEU B 30 -12.94 13.69 -20.88
C LEU B 30 -12.94 12.23 -21.31
N HIS B 31 -11.95 11.45 -20.87
CA HIS B 31 -11.89 10.04 -21.24
C HIS B 31 -12.27 9.12 -20.08
N ALA B 32 -11.88 9.49 -18.86
CA ALA B 32 -12.18 8.66 -17.70
C ALA B 32 -12.13 9.50 -16.47
N ARG B 33 -12.76 8.98 -15.45
CA ARG B 33 -12.85 9.66 -14.18
C ARG B 33 -12.93 8.57 -13.10
N TRP B 34 -12.34 8.81 -11.95
CA TRP B 34 -12.53 7.92 -10.82
C TRP B 34 -12.67 8.77 -9.57
N ASN B 35 -12.64 8.14 -8.41
CA ASN B 35 -12.87 8.87 -7.16
C ASN B 35 -11.85 10.00 -6.94
N THR B 36 -10.62 9.77 -7.37
CA THR B 36 -9.56 10.71 -7.04
C THR B 36 -8.78 11.19 -8.26
N GLY B 37 -9.35 11.07 -9.45
CA GLY B 37 -8.76 11.72 -10.58
C GLY B 37 -9.61 11.72 -11.82
N ALA B 38 -9.05 12.28 -12.89
CA ALA B 38 -9.68 12.30 -14.19
C ALA B 38 -8.61 12.35 -15.26
N TYR B 39 -8.91 11.72 -16.39
CA TYR B 39 -8.03 11.79 -17.57
C TYR B 39 -8.70 12.55 -18.69
N LEU B 40 -8.03 13.59 -19.17
CA LEU B 40 -8.57 14.41 -20.24
C LEU B 40 -7.53 14.55 -21.35
N THR B 41 -8.00 14.98 -22.53
CA THR B 41 -7.11 15.29 -23.62
C THR B 41 -7.30 16.67 -24.17
N CYS B 42 -6.19 17.24 -24.57
CA CYS B 42 -6.16 18.51 -25.22
C CYS B 42 -5.28 18.26 -26.43
N GLY B 43 -5.87 18.17 -27.62
CA GLY B 43 -5.13 17.70 -28.80
C GLY B 43 -4.66 16.30 -28.50
N ASP B 44 -3.39 16.09 -28.77
CA ASP B 44 -2.65 14.89 -28.40
C ASP B 44 -2.40 14.73 -26.88
N LEU B 45 -2.31 15.85 -26.15
CA LEU B 45 -1.91 15.83 -24.75
C LEU B 45 -2.88 15.13 -23.76
N TRP B 46 -2.32 14.21 -23.01
CA TRP B 46 -2.97 13.56 -21.89
C TRP B 46 -2.78 14.43 -20.68
N VAL B 47 -3.89 14.90 -20.13
CA VAL B 47 -3.90 15.74 -18.95
C VAL B 47 -4.57 14.91 -17.86
N CYS B 48 -3.90 14.78 -16.72
CA CYS B 48 -4.47 14.10 -15.58
C CYS B 48 -4.78 15.14 -14.50
N LEU B 49 -6.01 15.15 -13.99
CA LEU B 49 -6.34 15.91 -12.77
C LEU B 49 -6.31 14.93 -11.61
N SER B 50 -5.46 15.21 -10.61
CA SER B 50 -5.21 14.28 -9.53
C SER B 50 -5.54 14.88 -8.16
N TYR B 51 -6.48 14.25 -7.46
CA TYR B 51 -6.87 14.74 -6.14
C TYR B 51 -5.69 14.62 -5.22
N ASP B 52 -5.35 15.71 -4.57
CA ASP B 52 -4.23 15.69 -3.61
C ASP B 52 -4.70 16.38 -2.33
N GLU B 53 -4.75 15.62 -1.25
CA GLU B 53 -5.10 16.11 0.08
C GLU B 53 -4.30 17.39 0.47
N ALA B 54 -3.08 17.49 -0.02
CA ALA B 54 -2.22 18.62 0.33
C ALA B 54 -2.49 19.85 -0.55
N ARG B 55 -3.31 19.72 -1.59
CA ARG B 55 -3.54 20.89 -2.44
C ARG B 55 -4.53 21.87 -1.82
N GLN B 56 -4.12 23.13 -1.76
CA GLN B 56 -5.02 24.22 -1.41
C GLN B 56 -5.03 25.19 -2.60
N TYR B 57 -5.92 26.18 -2.57
CA TYR B 57 -5.80 27.26 -3.51
C TYR B 57 -4.48 28.05 -3.30
N VAL B 58 -3.72 28.24 -4.36
CA VAL B 58 -2.44 28.97 -4.30
C VAL B 58 -2.58 30.27 -5.07
N PRO B 59 -2.56 31.39 -4.34
CA PRO B 59 -2.83 32.67 -4.99
C PRO B 59 -1.64 32.97 -5.90
N PRO B 60 -1.84 33.77 -6.95
CA PRO B 60 -0.75 33.99 -7.93
C PRO B 60 0.45 34.76 -7.34
N GLN B 61 0.27 35.41 -6.18
CA GLN B 61 1.37 36.15 -5.59
C GLN B 61 2.30 35.20 -4.87
N GLU B 62 1.85 33.99 -4.57
CA GLU B 62 2.70 33.03 -3.88
C GLU B 62 3.46 32.17 -4.87
N SER B 63 2.76 31.69 -5.90
CA SER B 63 3.36 30.78 -6.80
C SER B 63 4.24 31.55 -7.75
N ASP B 64 5.25 30.88 -8.28
CA ASP B 64 6.20 31.53 -9.14
C ASP B 64 5.72 31.49 -10.59
N TYR B 65 6.64 31.70 -11.53
CA TYR B 65 6.28 31.98 -12.87
C TYR B 65 5.89 30.70 -13.66
N THR B 66 6.10 29.52 -13.08
CA THR B 66 5.76 28.24 -13.73
C THR B 66 4.31 28.24 -14.23
N HIS B 67 4.09 27.98 -15.51
CA HIS B 67 2.75 28.07 -16.03
C HIS B 67 2.59 27.21 -17.29
N TYR B 68 1.33 27.00 -17.70
CA TYR B 68 0.96 26.07 -18.75
C TYR B 68 0.17 26.84 -19.80
N ALA B 69 0.64 26.77 -21.06
CA ALA B 69 0.09 27.55 -22.16
C ALA B 69 -0.57 26.63 -23.18
N PHE B 70 -1.75 27.03 -23.66
CA PHE B 70 -2.56 26.20 -24.53
C PHE B 70 -2.79 26.98 -25.79
N THR B 71 -2.73 26.28 -26.91
CA THR B 71 -2.78 26.90 -28.19
C THR B 71 -4.23 27.16 -28.53
N VAL B 72 -4.52 28.39 -28.98
CA VAL B 72 -5.81 28.74 -29.57
C VAL B 72 -5.59 29.35 -30.95
N ALA B 73 -6.54 29.11 -31.85
CA ALA B 73 -6.51 29.70 -33.18
C ALA B 73 -6.71 31.20 -33.06
N GLU B 74 -6.13 31.96 -33.98
CA GLU B 74 -6.20 33.42 -33.90
C GLU B 74 -7.64 33.94 -33.77
N GLU B 75 -8.57 33.49 -34.63
CA GLU B 75 -9.99 33.94 -34.52
C GLU B 75 -10.73 33.46 -33.27
N ASP B 76 -10.12 32.54 -32.51
CA ASP B 76 -10.75 31.98 -31.32
C ASP B 76 -10.26 32.67 -30.05
N PHE B 77 -9.19 33.45 -30.17
CA PHE B 77 -8.55 34.07 -29.02
C PHE B 77 -9.46 35.04 -28.31
N GLU B 78 -10.01 35.98 -29.07
CA GLU B 78 -10.94 36.94 -28.50
C GLU B 78 -12.17 36.28 -27.83
N PRO B 79 -12.95 35.47 -28.57
CA PRO B 79 -14.17 34.88 -28.00
C PRO B 79 -13.86 34.00 -26.81
N LEU B 80 -12.71 33.34 -26.76
CA LEU B 80 -12.33 32.52 -25.60
C LEU B 80 -11.86 33.32 -24.37
N SER B 81 -11.17 34.43 -24.63
CA SER B 81 -10.83 35.38 -23.59
C SER B 81 -12.12 35.84 -22.96
N GLN B 82 -12.99 36.40 -23.81
CA GLN B 82 -14.31 36.88 -23.41
C GLN B 82 -15.10 35.83 -22.60
N ARG B 83 -15.16 34.59 -23.09
CA ARG B 83 -15.87 33.54 -22.36
C ARG B 83 -15.27 33.30 -20.95
N LEU B 84 -13.94 33.37 -20.86
CA LEU B 84 -13.27 33.17 -19.61
C LEU B 84 -13.54 34.32 -18.65
N GLU B 85 -13.49 35.56 -19.14
CA GLU B 85 -13.74 36.71 -18.31
C GLU B 85 -15.16 36.70 -17.76
N GLN B 86 -16.08 36.26 -18.60
CA GLN B 86 -17.44 36.34 -18.19
C GLN B 86 -17.74 35.29 -17.15
N ALA B 87 -16.94 34.23 -17.18
CA ALA B 87 -16.99 33.19 -16.17
C ALA B 87 -16.29 33.62 -14.86
N GLY B 88 -15.69 34.83 -14.84
CA GLY B 88 -15.14 35.44 -13.63
C GLY B 88 -13.74 34.96 -13.23
N VAL B 89 -13.08 34.34 -14.19
CA VAL B 89 -11.72 33.86 -14.07
C VAL B 89 -10.76 34.93 -13.47
N THR B 90 -9.68 34.53 -12.82
CA THR B 90 -8.74 35.50 -12.24
C THR B 90 -7.61 35.72 -13.22
N ILE B 91 -7.30 36.97 -13.52
CA ILE B 91 -6.22 37.28 -14.44
C ILE B 91 -4.96 37.44 -13.62
N TRP B 92 -3.89 36.74 -13.99
CA TRP B 92 -2.66 36.79 -13.20
C TRP B 92 -1.54 37.60 -13.81
N LYS B 93 -1.69 37.92 -15.09
CA LYS B 93 -0.72 38.73 -15.82
C LYS B 93 -1.44 39.48 -16.94
N GLN B 94 -1.05 40.72 -17.16
CA GLN B 94 -1.46 41.42 -18.37
C GLN B 94 -0.49 41.03 -19.51
N ASN B 95 -1.02 40.91 -20.72
CA ASN B 95 -0.17 40.62 -21.89
C ASN B 95 0.81 41.77 -22.28
N LYS B 96 2.07 41.40 -22.55
CA LYS B 96 3.10 42.31 -23.13
C LYS B 96 4.19 41.61 -24.05
N SER B 97 4.22 40.27 -24.04
CA SER B 97 5.15 39.45 -24.86
C SER B 97 4.53 39.04 -26.23
N GLU B 98 5.35 38.38 -27.09
CA GLU B 98 4.98 38.08 -28.49
C GLU B 98 3.77 37.15 -28.70
N GLY B 99 2.79 37.64 -29.47
CA GLY B 99 1.53 36.96 -29.79
C GLY B 99 0.40 37.31 -28.82
N ALA B 100 -0.84 37.13 -29.24
CA ALA B 100 -1.95 37.14 -28.29
C ALA B 100 -1.66 36.11 -27.18
N SER B 101 -1.57 36.60 -25.95
CA SER B 101 -1.51 35.73 -24.77
C SER B 101 -2.50 36.29 -23.73
N PHE B 102 -3.20 35.36 -23.07
CA PHE B 102 -4.19 35.64 -22.04
C PHE B 102 -3.90 34.71 -20.84
N TYR B 103 -3.66 35.31 -19.67
CA TYR B 103 -3.17 34.63 -18.45
C TYR B 103 -4.22 34.55 -17.34
N PHE B 104 -4.65 33.32 -17.02
CA PHE B 104 -5.74 33.10 -16.08
C PHE B 104 -5.43 31.86 -15.22
N LEU B 105 -6.06 31.80 -14.03
CA LEU B 105 -5.90 30.70 -13.09
C LEU B 105 -6.99 29.62 -13.20
N ASP B 106 -6.57 28.40 -12.87
CA ASP B 106 -7.51 27.29 -12.74
C ASP B 106 -8.13 27.29 -11.33
N PRO B 107 -9.09 26.42 -11.01
CA PRO B 107 -9.78 26.52 -9.71
C PRO B 107 -8.90 26.37 -8.46
N ASP B 108 -7.66 25.95 -8.62
CA ASP B 108 -6.75 25.79 -7.50
C ASP B 108 -5.58 26.75 -7.63
N GLY B 109 -5.64 27.60 -8.65
CA GLY B 109 -4.61 28.59 -8.86
C GLY B 109 -3.48 28.15 -9.79
N HIS B 110 -3.65 27.05 -10.52
CA HIS B 110 -2.60 26.70 -11.49
C HIS B 110 -2.56 27.80 -12.53
N LYS B 111 -1.36 28.28 -12.82
CA LYS B 111 -1.24 29.39 -13.72
C LYS B 111 -1.40 28.89 -15.15
N LEU B 112 -2.50 29.30 -15.79
CA LEU B 112 -2.75 28.98 -17.20
C LEU B 112 -2.53 30.16 -18.15
N GLU B 113 -2.39 29.85 -19.43
CA GLU B 113 -2.23 30.87 -20.44
C GLU B 113 -2.83 30.36 -21.74
N LEU B 114 -3.61 31.20 -22.42
CA LEU B 114 -3.98 30.95 -23.81
C LEU B 114 -2.99 31.72 -24.69
N HIS B 115 -2.54 31.09 -25.77
CA HIS B 115 -1.50 31.67 -26.62
C HIS B 115 -1.69 31.27 -28.06
N VAL B 116 -1.54 32.26 -28.94
CA VAL B 116 -1.53 32.07 -30.37
C VAL B 116 -0.08 32.25 -30.77
N GLY B 117 0.47 31.23 -31.44
CA GLY B 117 1.81 31.35 -31.95
C GLY B 117 2.70 30.23 -31.49
N SER B 118 3.41 29.65 -32.44
CA SER B 118 4.41 28.61 -32.18
C SER B 118 5.69 29.15 -31.49
N LEU B 119 6.57 28.24 -31.12
CA LEU B 119 7.98 28.60 -30.86
C LEU B 119 8.63 29.24 -32.11
N ALA B 120 8.31 28.74 -33.29
CA ALA B 120 8.90 29.34 -34.48
C ALA B 120 8.56 30.81 -34.50
N ALA B 121 7.34 31.16 -34.15
CA ALA B 121 6.93 32.56 -34.25
C ALA B 121 7.64 33.42 -33.20
N ARG B 122 7.84 32.87 -32.01
CA ARG B 122 8.55 33.52 -30.93
C ARG B 122 10.03 33.72 -31.34
N LEU B 123 10.62 32.70 -31.95
CA LEU B 123 11.98 32.82 -32.43
C LEU B 123 12.11 33.92 -33.50
N ALA B 124 11.16 33.96 -34.43
CA ALA B 124 11.12 34.98 -35.46
C ALA B 124 11.09 36.38 -34.81
N ALA B 125 10.19 36.56 -33.85
CA ALA B 125 10.08 37.83 -33.14
C ALA B 125 11.40 38.19 -32.44
N CYS B 126 11.99 37.20 -31.76
CA CYS B 126 13.25 37.42 -31.09
C CYS B 126 14.41 37.76 -32.05
N ARG B 127 14.34 37.34 -33.32
CA ARG B 127 15.40 37.71 -34.26
C ARG B 127 15.41 39.19 -34.53
N GLU B 128 14.23 39.80 -34.45
CA GLU B 128 14.08 41.21 -34.75
C GLU B 128 14.33 42.10 -33.52
N LYS B 129 13.71 41.75 -32.38
CA LYS B 129 14.06 42.33 -31.07
C LYS B 129 14.50 41.24 -30.10
N PRO B 130 15.80 40.99 -30.08
CA PRO B 130 16.42 40.02 -29.16
C PRO B 130 16.24 40.42 -27.70
N TYR B 131 16.02 39.44 -26.82
CA TYR B 131 16.13 39.63 -25.38
C TYR B 131 17.60 39.88 -25.03
N ALA B 132 17.85 40.40 -23.84
CA ALA B 132 19.24 40.70 -23.41
C ALA B 132 20.12 39.43 -23.43
N GLY B 133 21.24 39.51 -24.15
CA GLY B 133 22.20 38.43 -24.28
C GLY B 133 21.73 37.27 -25.15
N MET B 134 20.73 37.48 -26.01
CA MET B 134 20.17 36.31 -26.72
C MET B 134 21.16 35.65 -27.66
N VAL B 135 21.16 34.31 -27.63
CA VAL B 135 21.99 33.49 -28.52
C VAL B 135 21.08 32.41 -29.09
N PHE B 136 21.00 32.36 -30.42
CA PHE B 136 20.23 31.34 -31.15
C PHE B 136 21.15 30.19 -31.46
N THR B 137 20.72 28.97 -31.14
CA THR B 137 21.60 27.82 -31.16
C THR B 137 22.03 27.38 -32.56
N SER B 138 21.13 27.49 -33.55
CA SER B 138 21.50 27.43 -34.97
C SER B 138 22.57 28.54 -35.39
N ASP B 139 23.86 28.17 -35.30
CA ASP B 139 25.00 29.12 -35.37
C ASP B 139 25.70 29.14 -36.74
N MET C 1 17.11 -25.90 8.27
CA MET C 1 18.44 -25.24 8.42
C MET C 1 18.47 -23.78 7.96
N LEU C 2 18.97 -22.95 8.86
CA LEU C 2 19.28 -21.57 8.62
C LEU C 2 20.77 -21.57 8.27
N GLN C 3 21.16 -20.94 7.16
CA GLN C 3 22.53 -21.01 6.71
C GLN C 3 23.47 -20.00 7.37
N SER C 4 22.97 -18.83 7.73
CA SER C 4 23.80 -17.76 8.25
C SER C 4 22.89 -16.62 8.59
N LEU C 5 23.42 -15.58 9.23
CA LEU C 5 22.67 -14.32 9.37
C LEU C 5 22.52 -13.73 7.98
N ASN C 6 21.31 -13.45 7.54
CA ASN C 6 21.14 -12.74 6.28
C ASN C 6 21.35 -11.22 6.45
N HIS C 7 20.72 -10.62 7.44
CA HIS C 7 20.94 -9.18 7.70
C HIS C 7 20.47 -8.76 9.07
N LEU C 8 21.05 -7.67 9.57
CA LEU C 8 20.67 -7.08 10.85
C LEU C 8 19.89 -5.80 10.54
N THR C 9 18.66 -5.68 11.01
CA THR C 9 17.92 -4.46 10.77
C THR C 9 17.75 -3.71 12.10
N LEU C 10 18.15 -2.45 12.14
CA LEU C 10 17.99 -1.62 13.31
C LEU C 10 16.97 -0.48 13.05
N ALA C 11 15.96 -0.34 13.91
CA ALA C 11 15.01 0.75 13.81
C ALA C 11 15.75 2.01 14.29
N VAL C 12 15.61 3.11 13.54
CA VAL C 12 16.25 4.36 13.91
C VAL C 12 15.26 5.51 13.89
N SER C 13 15.53 6.56 14.64
CA SER C 13 14.62 7.72 14.64
C SER C 13 15.06 8.86 13.73
N ASP C 14 16.35 8.92 13.46
CA ASP C 14 16.92 10.01 12.70
C ASP C 14 17.98 9.43 11.76
N LEU C 15 17.53 9.19 10.53
CA LEU C 15 18.31 8.43 9.58
C LEU C 15 19.65 9.11 9.27
N GLN C 16 19.63 10.42 9.09
CA GLN C 16 20.88 11.14 8.87
C GLN C 16 21.89 10.91 10.02
N LYS C 17 21.44 11.06 11.27
CA LYS C 17 22.30 10.88 12.43
C LYS C 17 22.87 9.48 12.47
N SER C 18 22.02 8.51 12.16
CA SER C 18 22.41 7.12 12.22
C SER C 18 23.41 6.74 11.16
N VAL C 19 23.19 7.20 9.94
CA VAL C 19 24.12 6.94 8.85
C VAL C 19 25.48 7.55 9.18
N THR C 20 25.49 8.76 9.71
CA THR C 20 26.76 9.37 10.06
C THR C 20 27.50 8.50 11.05
N PHE C 21 26.76 8.00 12.05
CA PHE C 21 27.38 7.23 13.11
C PHE C 21 27.95 5.91 12.57
N TRP C 22 27.12 5.18 11.83
CA TRP C 22 27.46 3.84 11.42
C TRP C 22 28.41 3.84 10.24
N HIS C 23 28.27 4.83 9.36
CA HIS C 23 29.12 4.94 8.18
C HIS C 23 30.41 5.69 8.47
N GLU C 24 30.34 6.87 9.06
CA GLU C 24 31.52 7.70 9.27
C GLU C 24 32.28 7.36 10.57
N LEU C 25 31.59 7.26 11.69
CA LEU C 25 32.29 7.00 12.94
C LEU C 25 32.71 5.53 13.03
N LEU C 26 31.79 4.62 12.75
CA LEU C 26 32.07 3.20 12.84
C LEU C 26 32.70 2.66 11.57
N GLY C 27 32.60 3.41 10.48
CA GLY C 27 33.23 3.05 9.23
C GLY C 27 32.63 1.97 8.34
N LEU C 28 31.37 1.59 8.56
CA LEU C 28 30.73 0.60 7.69
C LEU C 28 30.63 1.16 6.27
N THR C 29 30.69 0.29 5.28
CA THR C 29 30.59 0.80 3.94
C THR C 29 29.12 0.94 3.55
N LEU C 30 28.79 2.07 2.91
CA LEU C 30 27.41 2.44 2.57
C LEU C 30 27.13 2.06 1.14
N HIS C 31 26.08 1.27 0.93
CA HIS C 31 25.78 0.82 -0.41
C HIS C 31 24.61 1.59 -1.00
N ALA C 32 23.63 1.90 -0.18
CA ALA C 32 22.50 2.64 -0.70
C ALA C 32 21.81 3.30 0.44
N ARG C 33 20.99 4.27 0.07
CA ARG C 33 20.28 5.09 1.01
C ARG C 33 19.00 5.52 0.33
N TRP C 34 17.93 5.64 1.07
CA TRP C 34 16.70 6.19 0.52
C TRP C 34 16.09 7.10 1.60
N ASN C 35 14.86 7.60 1.42
CA ASN C 35 14.30 8.49 2.45
C ASN C 35 14.12 7.83 3.82
N THR C 36 13.85 6.53 3.85
CA THR C 36 13.51 5.88 5.11
C THR C 36 14.43 4.72 5.52
N GLY C 37 15.62 4.63 4.90
CA GLY C 37 16.52 3.57 5.23
C GLY C 37 17.88 3.71 4.61
N ALA C 38 18.76 2.80 4.99
CA ALA C 38 20.09 2.71 4.42
C ALA C 38 20.57 1.27 4.47
N TYR C 39 21.36 0.88 3.48
CA TYR C 39 21.99 -0.43 3.41
C TYR C 39 23.50 -0.29 3.57
N LEU C 40 24.04 -0.96 4.58
CA LEU C 40 25.45 -0.88 4.88
C LEU C 40 26.02 -2.28 5.06
N THR C 41 27.33 -2.33 5.10
CA THR C 41 28.05 -3.57 5.12
C THR C 41 29.17 -3.50 6.13
N CYS C 42 29.25 -4.54 6.96
CA CYS C 42 30.30 -4.73 7.92
C CYS C 42 30.89 -6.07 7.55
N GLY C 43 32.04 -6.05 6.91
CA GLY C 43 32.55 -7.20 6.21
C GLY C 43 31.48 -7.82 5.32
N ASP C 44 31.12 -9.05 5.66
CA ASP C 44 30.08 -9.84 5.00
C ASP C 44 28.66 -9.40 5.38
N LEU C 45 28.48 -8.83 6.55
CA LEU C 45 27.14 -8.61 7.06
C LEU C 45 26.43 -7.39 6.45
N TRP C 46 25.24 -7.67 5.92
CA TRP C 46 24.29 -6.66 5.46
C TRP C 46 23.62 -6.06 6.70
N VAL C 47 23.81 -4.76 6.91
CA VAL C 47 23.14 -4.07 8.01
C VAL C 47 22.15 -3.11 7.37
N CYS C 48 20.92 -3.14 7.86
CA CYS C 48 19.92 -2.18 7.38
C CYS C 48 19.54 -1.21 8.50
N LEU C 49 19.66 0.10 8.22
CA LEU C 49 19.14 1.10 9.13
C LEU C 49 17.76 1.46 8.60
N SER C 50 16.73 1.32 9.45
CA SER C 50 15.37 1.49 8.98
C SER C 50 14.63 2.49 9.82
N TYR C 51 14.11 3.54 9.17
CA TYR C 51 13.45 4.60 9.90
C TYR C 51 12.17 4.04 10.44
N ASP C 52 11.95 4.24 11.73
CA ASP C 52 10.72 3.74 12.35
C ASP C 52 10.14 4.84 13.21
N GLU C 53 8.95 5.31 12.88
CA GLU C 53 8.38 6.45 13.63
C GLU C 53 8.06 6.09 15.09
N ALA C 54 8.06 4.79 15.41
CA ALA C 54 7.89 4.41 16.80
C ALA C 54 9.22 4.36 17.57
N ARG C 55 10.33 4.59 16.88
CA ARG C 55 11.61 4.56 17.56
C ARG C 55 11.88 5.86 18.28
N GLN C 56 12.22 5.76 19.55
CA GLN C 56 12.83 6.87 20.28
C GLN C 56 14.15 6.43 20.90
N TYR C 57 14.88 7.37 21.49
CA TYR C 57 16.05 7.01 22.27
C TYR C 57 15.64 6.14 23.47
N VAL C 58 16.20 4.96 23.60
CA VAL C 58 15.87 4.08 24.69
C VAL C 58 17.11 4.03 25.57
N PRO C 59 17.05 4.58 26.76
CA PRO C 59 18.23 4.64 27.63
C PRO C 59 18.60 3.23 28.11
N PRO C 60 19.83 2.99 28.52
CA PRO C 60 20.26 1.61 28.78
C PRO C 60 19.65 1.00 30.03
N GLN C 61 19.10 1.80 30.93
CA GLN C 61 18.43 1.28 32.11
C GLN C 61 17.12 0.62 31.68
N GLU C 62 16.58 1.00 30.51
CA GLU C 62 15.35 0.39 30.01
C GLU C 62 15.50 -0.76 29.08
N SER C 63 16.53 -0.84 28.27
CA SER C 63 16.61 -1.96 27.36
C SER C 63 17.17 -3.12 28.15
N ASP C 64 16.91 -4.35 27.72
CA ASP C 64 17.52 -5.50 28.34
C ASP C 64 18.89 -5.72 27.74
N TYR C 65 19.41 -6.94 27.98
CA TYR C 65 20.76 -7.29 27.62
C TYR C 65 20.99 -7.63 26.15
N THR C 66 19.96 -7.64 25.31
CA THR C 66 20.14 -7.89 23.90
C THR C 66 21.13 -6.90 23.37
N HIS C 67 22.17 -7.37 22.71
CA HIS C 67 23.19 -6.48 22.17
C HIS C 67 23.95 -7.07 20.95
N TYR C 68 24.62 -6.22 20.20
CA TYR C 68 25.20 -6.62 18.92
C TYR C 68 26.70 -6.34 19.01
N ALA C 69 27.51 -7.38 18.86
CA ALA C 69 28.93 -7.27 19.08
C ALA C 69 29.62 -7.33 17.73
N PHE C 70 30.64 -6.49 17.56
CA PHE C 70 31.32 -6.37 16.31
C PHE C 70 32.77 -6.69 16.53
N THR C 71 33.33 -7.41 15.56
CA THR C 71 34.70 -7.88 15.64
C THR C 71 35.72 -6.80 15.36
N VAL C 72 36.70 -6.68 16.24
CA VAL C 72 37.88 -5.90 15.87
C VAL C 72 39.17 -6.70 16.01
N ALA C 73 40.11 -6.38 15.16
CA ALA C 73 41.45 -6.90 15.25
C ALA C 73 42.04 -6.38 16.55
N GLU C 74 42.82 -7.25 17.19
CA GLU C 74 43.37 -6.95 18.49
C GLU C 74 44.10 -5.60 18.52
N GLU C 75 44.85 -5.32 17.46
CA GLU C 75 45.56 -4.07 17.25
C GLU C 75 44.64 -2.85 17.07
N ASP C 76 43.36 -3.08 16.74
CA ASP C 76 42.42 -1.99 16.52
C ASP C 76 41.71 -1.60 17.82
N PHE C 77 41.60 -2.54 18.76
CA PHE C 77 40.69 -2.44 19.89
C PHE C 77 40.81 -1.21 20.74
N GLU C 78 42.01 -0.89 21.16
CA GLU C 78 42.28 0.27 22.00
C GLU C 78 42.03 1.59 21.24
N PRO C 79 42.70 1.79 20.10
CA PRO C 79 42.51 3.04 19.36
C PRO C 79 41.04 3.26 19.00
N LEU C 80 40.30 2.21 18.65
CA LEU C 80 38.90 2.39 18.27
C LEU C 80 38.02 2.68 19.49
N SER C 81 38.32 1.99 20.59
CA SER C 81 37.73 2.27 21.89
C SER C 81 37.88 3.75 22.18
N GLN C 82 39.09 4.25 21.98
CA GLN C 82 39.45 5.59 22.37
C GLN C 82 38.75 6.59 21.46
N ARG C 83 38.65 6.27 20.17
CA ARG C 83 38.03 7.11 19.17
C ARG C 83 36.57 7.39 19.58
N LEU C 84 35.86 6.31 19.91
CA LEU C 84 34.49 6.32 20.41
C LEU C 84 34.33 7.13 21.73
N GLU C 85 35.26 6.99 22.66
CA GLU C 85 35.28 7.92 23.79
C GLU C 85 35.51 9.40 23.50
N GLN C 86 36.49 9.77 22.68
CA GLN C 86 36.57 11.18 22.25
C GLN C 86 35.23 11.63 21.64
N ALA C 87 34.56 10.73 20.91
CA ALA C 87 33.29 11.06 20.29
C ALA C 87 32.14 11.19 21.30
N GLY C 88 32.30 10.66 22.50
CA GLY C 88 31.31 10.86 23.56
C GLY C 88 30.23 9.77 23.70
N VAL C 89 30.45 8.61 23.10
CA VAL C 89 29.46 7.53 23.18
C VAL C 89 29.10 7.20 24.62
N THR C 90 27.86 6.78 24.88
CA THR C 90 27.52 6.30 26.24
C THR C 90 28.07 4.90 26.42
N ILE C 91 28.93 4.72 27.41
CA ILE C 91 29.41 3.40 27.74
C ILE C 91 28.36 2.77 28.68
N TRP C 92 27.77 1.66 28.26
CA TRP C 92 26.67 1.06 29.01
C TRP C 92 27.01 -0.11 29.94
N LYS C 93 28.25 -0.57 29.88
CA LYS C 93 28.75 -1.64 30.74
C LYS C 93 30.27 -1.50 30.84
N GLN C 94 30.80 -1.58 32.06
CA GLN C 94 32.26 -1.60 32.25
C GLN C 94 32.70 -3.00 31.86
N ASN C 95 33.86 -3.13 31.19
CA ASN C 95 34.37 -4.45 30.84
C ASN C 95 35.06 -5.12 32.02
N LYS C 96 34.54 -6.25 32.48
CA LYS C 96 35.17 -6.89 33.65
C LYS C 96 35.93 -8.19 33.34
N SER C 97 35.79 -8.68 32.10
CA SER C 97 36.11 -10.05 31.68
C SER C 97 37.56 -10.54 31.77
N GLU C 98 38.53 -9.70 31.37
CA GLU C 98 39.91 -10.18 31.05
C GLU C 98 40.08 -10.29 29.51
N GLY C 99 38.97 -10.29 28.77
CA GLY C 99 39.00 -10.17 27.31
C GLY C 99 38.87 -8.73 26.80
N ALA C 100 38.94 -8.55 25.49
CA ALA C 100 38.84 -7.19 24.98
C ALA C 100 37.42 -6.94 24.48
N SER C 101 36.69 -6.18 25.29
CA SER C 101 35.29 -5.86 25.01
C SER C 101 34.96 -4.43 25.44
N PHE C 102 34.19 -3.75 24.61
CA PHE C 102 33.90 -2.35 24.82
C PHE C 102 32.43 -2.13 24.50
N TYR C 103 31.72 -1.45 25.41
CA TYR C 103 30.27 -1.48 25.41
C TYR C 103 29.66 -0.09 25.27
N PHE C 104 29.03 0.14 24.14
CA PHE C 104 28.65 1.50 23.85
C PHE C 104 27.30 1.59 23.14
N LEU C 105 26.66 2.75 23.26
CA LEU C 105 25.31 2.99 22.67
C LEU C 105 25.35 3.63 21.29
N ASP C 106 24.45 3.19 20.41
CA ASP C 106 24.24 3.90 19.14
C ASP C 106 23.34 5.14 19.34
N PRO C 107 23.19 6.00 18.32
CA PRO C 107 22.34 7.20 18.43
C PRO C 107 20.94 6.99 18.92
N ASP C 108 20.39 5.78 18.91
CA ASP C 108 19.04 5.57 19.41
C ASP C 108 19.02 4.70 20.67
N GLY C 109 20.19 4.24 21.07
CA GLY C 109 20.35 3.51 22.31
C GLY C 109 20.50 2.03 22.03
N HIS C 110 20.62 1.62 20.77
CA HIS C 110 20.93 0.22 20.56
C HIS C 110 22.25 -0.09 21.30
N LYS C 111 22.28 -1.25 21.94
CA LYS C 111 23.45 -1.69 22.70
C LYS C 111 24.40 -2.43 21.80
N LEU C 112 25.59 -1.82 21.66
CA LEU C 112 26.66 -2.35 20.81
C LEU C 112 27.89 -2.76 21.59
N GLU C 113 28.75 -3.53 20.94
CA GLU C 113 29.95 -4.03 21.56
C GLU C 113 31.06 -4.13 20.52
N LEU C 114 32.23 -3.60 20.83
CA LEU C 114 33.46 -4.00 20.16
C LEU C 114 34.03 -5.23 20.89
N HIS C 115 34.40 -6.26 20.14
CA HIS C 115 34.98 -7.45 20.76
C HIS C 115 36.07 -8.17 19.94
N VAL C 116 37.16 -8.51 20.61
CA VAL C 116 38.28 -9.22 20.01
C VAL C 116 38.19 -10.70 20.40
N GLY C 117 38.16 -11.57 19.39
CA GLY C 117 38.07 -13.01 19.58
C GLY C 117 36.85 -13.66 18.94
N SER C 118 37.05 -14.89 18.46
CA SER C 118 35.96 -15.71 17.89
C SER C 118 35.18 -16.39 19.00
N LEU C 119 34.14 -17.11 18.61
CA LEU C 119 33.48 -18.04 19.52
C LEU C 119 34.51 -19.01 20.12
N ALA C 120 35.36 -19.58 19.27
CA ALA C 120 36.33 -20.56 19.75
C ALA C 120 37.26 -19.97 20.81
N ALA C 121 37.63 -18.69 20.72
CA ALA C 121 38.52 -18.08 21.75
C ALA C 121 37.79 -17.87 23.11
N ARG C 122 36.54 -17.43 23.02
CA ARG C 122 35.64 -17.37 24.16
C ARG C 122 35.48 -18.75 24.81
N LEU C 123 35.20 -19.76 23.97
CA LEU C 123 35.13 -21.15 24.43
C LEU C 123 36.41 -21.56 25.14
N ALA C 124 37.54 -21.21 24.57
CA ALA C 124 38.82 -21.60 25.18
C ALA C 124 38.97 -20.85 26.50
N ALA C 125 38.57 -19.59 26.51
CA ALA C 125 38.63 -18.78 27.73
C ALA C 125 37.66 -19.33 28.85
N CYS C 126 36.46 -19.79 28.44
CA CYS C 126 35.49 -20.44 29.36
C CYS C 126 35.90 -21.81 29.89
N ARG C 127 36.78 -22.52 29.16
CA ARG C 127 37.35 -23.75 29.67
C ARG C 127 38.28 -23.41 30.82
N GLU C 128 38.98 -22.28 30.69
CA GLU C 128 39.86 -21.80 31.76
C GLU C 128 39.11 -21.27 32.97
N LYS C 129 37.99 -20.59 32.69
CA LYS C 129 37.18 -19.95 33.73
C LYS C 129 35.71 -20.15 33.43
N PRO C 130 35.20 -21.37 33.59
CA PRO C 130 33.79 -21.65 33.22
C PRO C 130 32.78 -20.78 34.02
N TYR C 131 31.68 -20.41 33.39
CA TYR C 131 30.56 -19.81 34.10
C TYR C 131 29.89 -20.91 34.92
N ALA C 132 29.09 -20.46 35.88
CA ALA C 132 28.33 -21.33 36.79
C ALA C 132 27.56 -22.35 35.96
N GLY C 133 27.79 -23.63 36.23
CA GLY C 133 27.07 -24.71 35.58
C GLY C 133 27.44 -24.96 34.13
N MET C 134 28.58 -24.41 33.69
CA MET C 134 28.99 -24.56 32.29
C MET C 134 29.18 -26.00 31.77
N VAL C 135 28.63 -26.26 30.60
CA VAL C 135 28.77 -27.54 29.94
C VAL C 135 29.16 -27.30 28.48
N PHE C 136 30.17 -28.00 27.99
CA PHE C 136 30.60 -27.86 26.59
C PHE C 136 30.05 -29.03 25.80
N THR C 137 29.48 -28.76 24.63
CA THR C 137 28.82 -29.79 23.83
C THR C 137 29.71 -30.96 23.34
N SER C 138 30.99 -30.69 23.05
CA SER C 138 32.01 -31.75 22.89
C SER C 138 32.04 -32.80 24.04
N MET D 1 38.58 -0.68 12.43
CA MET D 1 37.58 -1.03 11.33
C MET D 1 36.69 -2.17 11.82
N LEU D 2 35.37 -2.06 11.73
CA LEU D 2 34.58 -3.16 12.25
C LEU D 2 34.72 -4.25 11.18
N GLN D 3 35.25 -5.43 11.52
CA GLN D 3 35.50 -6.47 10.52
C GLN D 3 34.29 -7.26 10.15
N SER D 4 33.38 -7.45 11.09
CA SER D 4 32.21 -8.32 10.88
C SER D 4 31.37 -8.30 12.13
N LEU D 5 30.20 -8.91 12.06
CA LEU D 5 29.42 -9.10 13.26
C LEU D 5 30.10 -10.18 14.08
N ASN D 6 30.47 -9.88 15.33
CA ASN D 6 31.12 -10.87 16.17
C ASN D 6 30.13 -11.86 16.77
N HIS D 7 29.07 -11.35 17.37
CA HIS D 7 28.00 -12.20 17.85
C HIS D 7 26.70 -11.45 18.08
N LEU D 8 25.60 -12.18 18.06
CA LEU D 8 24.29 -11.62 18.41
C LEU D 8 23.87 -12.16 19.79
N THR D 9 23.61 -11.27 20.75
CA THR D 9 23.12 -11.71 22.07
C THR D 9 21.64 -11.36 22.24
N LEU D 10 20.82 -12.35 22.52
CA LEU D 10 19.39 -12.09 22.72
C LEU D 10 19.07 -12.32 24.19
N ALA D 11 18.42 -11.35 24.83
CA ALA D 11 17.99 -11.58 26.20
C ALA D 11 16.78 -12.51 26.19
N VAL D 12 16.81 -13.51 27.05
CA VAL D 12 15.73 -14.48 27.14
C VAL D 12 15.18 -14.57 28.59
N SER D 13 13.96 -15.09 28.73
CA SER D 13 13.33 -15.14 30.03
C SER D 13 13.31 -16.56 30.58
N ASP D 14 13.36 -17.53 29.66
CA ASP D 14 13.32 -18.94 30.00
C ASP D 14 14.29 -19.69 29.10
N LEU D 15 15.47 -19.93 29.66
CA LEU D 15 16.58 -20.44 28.89
C LEU D 15 16.26 -21.81 28.24
N GLN D 16 15.58 -22.67 28.99
CA GLN D 16 15.20 -23.98 28.49
C GLN D 16 14.33 -23.86 27.23
N LYS D 17 13.25 -23.08 27.34
CA LYS D 17 12.34 -22.80 26.23
C LYS D 17 13.12 -22.30 25.03
N SER D 18 14.05 -21.37 25.27
CA SER D 18 14.74 -20.67 24.18
C SER D 18 15.71 -21.58 23.50
N VAL D 19 16.45 -22.37 24.30
CA VAL D 19 17.37 -23.36 23.74
C VAL D 19 16.62 -24.36 22.87
N THR D 20 15.51 -24.90 23.37
CA THR D 20 14.69 -25.82 22.57
C THR D 20 14.32 -25.20 21.21
N PHE D 21 13.92 -23.94 21.22
CA PHE D 21 13.44 -23.29 20.02
C PHE D 21 14.56 -23.07 19.01
N TRP D 22 15.67 -22.51 19.51
CA TRP D 22 16.79 -22.11 18.68
C TRP D 22 17.59 -23.30 18.20
N HIS D 23 17.68 -24.29 19.07
CA HIS D 23 18.49 -25.47 18.79
C HIS D 23 17.66 -26.55 18.06
N GLU D 24 16.49 -26.90 18.59
CA GLU D 24 15.76 -28.02 17.99
C GLU D 24 14.84 -27.57 16.86
N LEU D 25 14.05 -26.51 17.09
CA LEU D 25 13.15 -26.04 16.05
C LEU D 25 13.87 -25.33 14.89
N LEU D 26 14.71 -24.34 15.20
CA LEU D 26 15.48 -23.64 14.17
C LEU D 26 16.75 -24.38 13.75
N GLY D 27 17.18 -25.36 14.55
CA GLY D 27 18.29 -26.20 14.16
C GLY D 27 19.71 -25.63 14.28
N LEU D 28 19.89 -24.52 15.00
CA LEU D 28 21.25 -24.01 15.27
C LEU D 28 22.08 -25.01 16.04
N THR D 29 23.37 -25.01 15.79
CA THR D 29 24.29 -25.93 16.52
C THR D 29 24.57 -25.34 17.91
N LEU D 30 24.46 -26.19 18.92
CA LEU D 30 24.69 -25.84 20.32
C LEU D 30 26.14 -26.14 20.66
N HIS D 31 26.86 -25.14 21.18
CA HIS D 31 28.24 -25.36 21.59
C HIS D 31 28.42 -25.43 23.08
N ALA D 32 27.69 -24.58 23.80
CA ALA D 32 27.82 -24.57 25.24
C ALA D 32 26.56 -24.05 25.88
N ARG D 33 26.40 -24.39 27.14
CA ARG D 33 25.24 -24.00 27.90
C ARG D 33 25.70 -23.90 29.33
N TRP D 34 25.23 -22.86 30.03
CA TRP D 34 25.43 -22.75 31.47
C TRP D 34 24.10 -22.41 32.16
N ASN D 35 24.11 -22.04 33.43
CA ASN D 35 22.86 -21.78 34.13
C ASN D 35 22.07 -20.64 33.55
N THR D 36 22.77 -19.62 33.04
CA THR D 36 22.12 -18.40 32.60
C THR D 36 22.40 -18.03 31.15
N GLY D 37 22.80 -19.00 30.34
CA GLY D 37 23.02 -18.72 28.93
C GLY D 37 23.42 -19.92 28.11
N ALA D 38 23.52 -19.72 26.80
CA ALA D 38 23.93 -20.73 25.84
C ALA D 38 24.59 -20.07 24.65
N TYR D 39 25.55 -20.79 24.07
CA TYR D 39 26.18 -20.34 22.86
C TYR D 39 25.81 -21.26 21.71
N LEU D 40 25.26 -20.67 20.65
CA LEU D 40 24.91 -21.40 19.45
C LEU D 40 25.52 -20.77 18.19
N THR D 41 25.38 -21.49 17.10
CA THR D 41 26.02 -21.18 15.83
C THR D 41 25.00 -21.34 14.73
N CYS D 42 24.95 -20.34 13.84
CA CYS D 42 24.18 -20.41 12.60
C CYS D 42 25.16 -20.08 11.48
N GLY D 43 25.54 -21.11 10.74
CA GLY D 43 26.74 -21.03 9.92
C GLY D 43 27.85 -20.50 10.82
N ASP D 44 28.32 -19.29 10.55
CA ASP D 44 29.35 -18.74 11.43
C ASP D 44 28.98 -17.53 12.26
N LEU D 45 27.70 -17.20 12.29
CA LEU D 45 27.16 -16.28 13.28
C LEU D 45 27.21 -17.01 14.63
N TRP D 46 27.92 -16.44 15.60
CA TRP D 46 27.85 -16.84 17.00
C TRP D 46 26.62 -16.15 17.64
N VAL D 47 25.69 -16.96 18.14
CA VAL D 47 24.50 -16.44 18.79
C VAL D 47 24.57 -16.78 20.25
N CYS D 48 24.38 -15.78 21.10
CA CYS D 48 24.31 -16.04 22.52
C CYS D 48 22.91 -15.81 23.09
N LEU D 49 22.39 -16.80 23.79
CA LEU D 49 21.09 -16.64 24.46
C LEU D 49 21.42 -16.39 25.90
N SER D 50 21.00 -15.24 26.41
CA SER D 50 21.41 -14.80 27.75
C SER D 50 20.21 -14.53 28.63
N TYR D 51 20.15 -15.24 29.75
CA TYR D 51 19.01 -15.07 30.67
C TYR D 51 19.12 -13.68 31.27
N ASP D 52 18.00 -12.98 31.23
CA ASP D 52 17.94 -11.64 31.76
C ASP D 52 16.63 -11.54 32.54
N GLU D 53 16.71 -11.28 33.83
CA GLU D 53 15.52 -11.26 34.63
C GLU D 53 14.57 -10.10 34.26
N ALA D 54 15.08 -9.12 33.53
CA ALA D 54 14.28 -8.01 33.03
C ALA D 54 13.48 -8.37 31.74
N ARG D 55 13.79 -9.52 31.13
CA ARG D 55 13.09 -9.94 29.91
C ARG D 55 11.72 -10.54 30.18
N GLN D 56 10.73 -10.05 29.47
CA GLN D 56 9.41 -10.65 29.46
C GLN D 56 9.13 -10.89 27.97
N TYR D 57 8.01 -11.54 27.67
CA TYR D 57 7.51 -11.60 26.32
C TYR D 57 7.08 -10.21 25.87
N VAL D 58 7.55 -9.82 24.70
CA VAL D 58 7.22 -8.53 24.14
C VAL D 58 6.31 -8.74 22.88
N PRO D 59 5.03 -8.39 22.98
CA PRO D 59 4.11 -8.52 21.82
C PRO D 59 4.68 -7.77 20.65
N PRO D 60 4.50 -8.25 19.43
CA PRO D 60 5.11 -7.60 18.26
C PRO D 60 4.69 -6.11 18.07
N GLN D 61 3.49 -5.76 18.48
CA GLN D 61 2.92 -4.41 18.34
C GLN D 61 3.62 -3.38 19.26
N GLU D 62 4.40 -3.88 20.22
CA GLU D 62 5.12 -3.08 21.21
C GLU D 62 6.64 -3.06 21.00
N SER D 63 7.12 -3.66 19.92
CA SER D 63 8.52 -3.53 19.63
C SER D 63 8.59 -2.83 18.31
N ASP D 64 9.70 -2.19 18.04
CA ASP D 64 9.92 -1.51 16.79
C ASP D 64 10.45 -2.52 15.80
N TYR D 65 10.89 -2.03 14.65
CA TYR D 65 11.10 -2.84 13.48
C TYR D 65 12.43 -3.58 13.56
N THR D 66 13.25 -3.28 14.57
CA THR D 66 14.54 -3.96 14.71
C THR D 66 14.37 -5.46 14.59
N HIS D 67 15.13 -6.12 13.75
CA HIS D 67 14.90 -7.56 13.58
C HIS D 67 16.08 -8.29 12.99
N TYR D 68 16.02 -9.62 13.02
CA TYR D 68 17.14 -10.48 12.63
C TYR D 68 16.71 -11.48 11.56
N ALA D 69 17.36 -11.40 10.39
CA ALA D 69 17.05 -12.27 9.25
C ALA D 69 18.07 -13.35 9.07
N PHE D 70 17.59 -14.52 8.73
CA PHE D 70 18.45 -15.66 8.48
C PHE D 70 18.28 -16.15 7.06
N THR D 71 19.39 -16.45 6.38
CA THR D 71 19.37 -17.08 5.07
C THR D 71 18.84 -18.54 5.08
N VAL D 72 17.89 -18.80 4.20
CA VAL D 72 17.53 -20.19 3.92
C VAL D 72 17.76 -20.42 2.45
N ALA D 73 17.89 -21.68 2.05
CA ALA D 73 18.00 -22.02 0.64
C ALA D 73 16.66 -21.75 -0.07
N GLU D 74 16.69 -21.32 -1.32
CA GLU D 74 15.43 -21.13 -2.03
C GLU D 74 14.44 -22.29 -1.91
N GLU D 75 14.92 -23.51 -2.09
CA GLU D 75 14.05 -24.69 -2.07
C GLU D 75 13.62 -25.08 -0.66
N ASP D 76 14.25 -24.45 0.33
CA ASP D 76 13.99 -24.78 1.71
C ASP D 76 12.95 -23.85 2.31
N PHE D 77 12.72 -22.73 1.64
CA PHE D 77 11.87 -21.68 2.14
C PHE D 77 10.44 -22.10 2.48
N GLU D 78 9.66 -22.59 1.50
CA GLU D 78 8.30 -23.05 1.79
C GLU D 78 8.28 -24.14 2.89
N PRO D 79 9.00 -25.25 2.71
CA PRO D 79 9.09 -26.27 3.79
C PRO D 79 9.48 -25.72 5.17
N LEU D 80 10.37 -24.75 5.25
CA LEU D 80 10.66 -24.12 6.56
C LEU D 80 9.51 -23.25 7.10
N SER D 81 8.94 -22.42 6.22
CA SER D 81 7.74 -21.65 6.53
C SER D 81 6.70 -22.62 7.12
N GLN D 82 6.48 -23.73 6.43
CA GLN D 82 5.45 -24.65 6.86
C GLN D 82 5.80 -25.38 8.17
N ARG D 83 7.06 -25.72 8.36
CA ARG D 83 7.46 -26.42 9.58
C ARG D 83 7.27 -25.53 10.82
N LEU D 84 7.59 -24.25 10.63
CA LEU D 84 7.46 -23.23 11.65
C LEU D 84 6.00 -22.87 11.93
N GLU D 85 5.21 -22.75 10.88
CA GLU D 85 3.76 -22.58 11.03
C GLU D 85 3.13 -23.72 11.86
N GLN D 86 3.51 -24.95 11.56
CA GLN D 86 3.00 -26.11 12.27
C GLN D 86 3.56 -26.17 13.67
N ALA D 87 4.65 -25.46 13.93
CA ALA D 87 5.15 -25.43 15.29
C ALA D 87 4.42 -24.43 16.22
N GLY D 88 3.48 -23.64 15.68
CA GLY D 88 2.76 -22.65 16.46
C GLY D 88 3.44 -21.30 16.61
N VAL D 89 4.49 -21.08 15.84
CA VAL D 89 5.23 -19.84 15.74
C VAL D 89 4.30 -18.63 15.46
N THR D 90 4.59 -17.48 16.08
CA THR D 90 3.83 -16.27 15.80
C THR D 90 4.43 -15.45 14.64
N ILE D 91 3.64 -15.29 13.59
CA ILE D 91 4.02 -14.45 12.46
C ILE D 91 3.71 -12.99 12.75
N TRP D 92 4.73 -12.13 12.71
CA TRP D 92 4.56 -10.69 13.02
C TRP D 92 4.39 -9.72 11.84
N LYS D 93 4.63 -10.17 10.63
CA LYS D 93 4.55 -9.30 9.46
C LYS D 93 4.18 -10.12 8.24
N GLN D 94 3.45 -9.49 7.31
CA GLN D 94 3.18 -10.10 6.01
C GLN D 94 4.25 -9.66 5.03
N ASN D 95 4.83 -10.62 4.32
CA ASN D 95 5.76 -10.28 3.25
C ASN D 95 5.00 -9.57 2.16
N LYS D 96 5.43 -8.34 1.85
CA LYS D 96 4.79 -7.53 0.80
C LYS D 96 5.79 -7.21 -0.32
N SER D 97 7.08 -7.06 0.07
CA SER D 97 8.25 -6.92 -0.81
C SER D 97 8.64 -8.22 -1.59
N GLU D 98 7.85 -8.50 -2.66
CA GLU D 98 7.94 -9.61 -3.65
C GLU D 98 9.25 -10.42 -3.93
N GLY D 99 10.14 -10.47 -2.93
CA GLY D 99 11.16 -11.52 -2.81
C GLY D 99 10.58 -12.62 -1.90
N ALA D 100 11.44 -13.34 -1.17
CA ALA D 100 10.92 -14.37 -0.26
C ALA D 100 11.31 -14.14 1.23
N SER D 101 10.30 -13.78 2.04
CA SER D 101 10.48 -13.43 3.44
C SER D 101 9.35 -13.98 4.34
N PHE D 102 9.73 -14.58 5.45
CA PHE D 102 8.80 -15.11 6.45
C PHE D 102 9.21 -14.52 7.80
N TYR D 103 8.30 -13.77 8.41
CA TYR D 103 8.58 -12.99 9.61
C TYR D 103 7.90 -13.63 10.79
N PHE D 104 8.72 -14.12 11.73
CA PHE D 104 8.19 -14.83 12.87
C PHE D 104 8.91 -14.42 14.17
N LEU D 105 8.29 -14.72 15.33
CA LEU D 105 8.83 -14.34 16.63
C LEU D 105 9.54 -15.51 17.31
N ASP D 106 10.54 -15.19 18.14
CA ASP D 106 11.15 -16.18 19.01
C ASP D 106 10.31 -16.24 20.29
N PRO D 107 10.55 -17.17 21.22
CA PRO D 107 9.66 -17.31 22.38
C PRO D 107 9.45 -16.02 23.22
N ASP D 108 10.43 -15.12 23.26
CA ASP D 108 10.30 -13.85 23.99
C ASP D 108 9.84 -12.66 23.15
N GLY D 109 9.51 -12.91 21.88
CA GLY D 109 9.06 -11.87 21.01
C GLY D 109 10.17 -11.29 20.16
N HIS D 110 11.38 -11.85 20.18
CA HIS D 110 12.45 -11.35 19.31
C HIS D 110 12.03 -11.52 17.86
N LYS D 111 12.13 -10.41 17.13
CA LYS D 111 11.64 -10.36 15.78
C LYS D 111 12.62 -11.02 14.82
N LEU D 112 12.21 -12.15 14.25
CA LEU D 112 13.06 -12.89 13.31
C LEU D 112 12.49 -12.87 11.90
N GLU D 113 13.31 -13.28 10.94
CA GLU D 113 12.87 -13.39 9.56
C GLU D 113 13.68 -14.49 8.87
N LEU D 114 13.02 -15.28 8.02
CA LEU D 114 13.71 -16.14 7.09
C LEU D 114 13.71 -15.39 5.80
N HIS D 115 14.87 -15.29 5.18
CA HIS D 115 15.01 -14.57 3.94
C HIS D 115 15.88 -15.34 2.96
N VAL D 116 15.44 -15.34 1.71
CA VAL D 116 16.19 -15.82 0.57
C VAL D 116 16.71 -14.58 -0.18
N GLY D 117 18.01 -14.54 -0.46
CA GLY D 117 18.54 -13.42 -1.20
C GLY D 117 19.54 -12.51 -0.51
N SER D 118 20.52 -12.10 -1.29
CA SER D 118 21.59 -11.22 -0.86
C SER D 118 21.24 -9.74 -0.95
N LEU D 119 22.09 -8.95 -0.29
CA LEU D 119 22.15 -7.52 -0.46
C LEU D 119 22.25 -7.21 -1.95
N ALA D 120 23.07 -7.96 -2.70
CA ALA D 120 23.16 -7.78 -4.15
C ALA D 120 21.83 -7.96 -4.88
N ALA D 121 21.09 -9.03 -4.54
CA ALA D 121 19.78 -9.23 -5.16
C ALA D 121 18.82 -8.08 -4.78
N ARG D 122 18.86 -7.65 -3.52
CA ARG D 122 18.07 -6.52 -3.07
C ARG D 122 18.40 -5.25 -3.84
N LEU D 123 19.69 -4.94 -3.89
CA LEU D 123 20.17 -3.80 -4.66
C LEU D 123 19.84 -3.86 -6.16
N ALA D 124 19.78 -5.05 -6.76
CA ALA D 124 19.46 -5.15 -8.20
C ALA D 124 17.98 -4.89 -8.42
N ALA D 125 17.18 -5.40 -7.50
CA ALA D 125 15.78 -5.10 -7.44
C ALA D 125 15.57 -3.57 -7.34
N CYS D 126 16.19 -2.91 -6.37
CA CYS D 126 15.99 -1.48 -6.22
C CYS D 126 16.39 -0.67 -7.48
N ARG D 127 17.38 -1.12 -8.22
CA ARG D 127 17.75 -0.35 -9.39
C ARG D 127 16.59 -0.31 -10.37
N GLU D 128 15.85 -1.42 -10.42
CA GLU D 128 14.77 -1.55 -11.37
C GLU D 128 13.52 -0.80 -10.88
N LYS D 129 13.28 -0.78 -9.58
CA LYS D 129 12.20 -0.03 -8.96
C LYS D 129 12.69 0.62 -7.70
N PRO D 130 13.33 1.79 -7.83
CA PRO D 130 13.93 2.45 -6.66
C PRO D 130 12.89 3.08 -5.72
N TYR D 131 13.24 3.12 -4.45
CA TYR D 131 12.46 3.74 -3.40
C TYR D 131 12.52 5.26 -3.54
N ALA D 132 11.54 5.98 -2.97
CA ALA D 132 11.61 7.45 -2.85
C ALA D 132 12.93 7.83 -2.19
N GLY D 133 13.69 8.72 -2.85
CA GLY D 133 14.98 9.19 -2.32
C GLY D 133 16.17 8.25 -2.50
N MET D 134 15.97 7.15 -3.21
CA MET D 134 17.02 6.19 -3.39
C MET D 134 18.28 6.85 -3.94
N VAL D 135 19.39 6.59 -3.30
CA VAL D 135 20.70 6.98 -3.80
C VAL D 135 21.62 5.76 -3.71
N PHE D 136 22.25 5.41 -4.83
CA PHE D 136 23.17 4.27 -4.89
C PHE D 136 24.61 4.68 -4.73
N THR D 137 25.33 3.95 -3.90
CA THR D 137 26.78 4.08 -3.90
C THR D 137 27.41 2.69 -4.16
N MET E 1 -25.43 -26.32 15.73
CA MET E 1 -25.13 -26.37 14.28
C MET E 1 -26.04 -25.48 13.39
N LEU E 2 -25.46 -24.45 12.82
CA LEU E 2 -26.10 -23.84 11.66
C LEU E 2 -25.64 -24.68 10.49
N GLN E 3 -26.58 -25.16 9.67
CA GLN E 3 -26.21 -26.02 8.54
C GLN E 3 -25.65 -25.34 7.30
N SER E 4 -26.09 -24.09 7.03
CA SER E 4 -25.69 -23.38 5.83
C SER E 4 -26.33 -22.03 5.87
N LEU E 5 -25.92 -21.14 4.98
CA LEU E 5 -26.66 -19.92 4.79
C LEU E 5 -28.03 -20.28 4.22
N ASN E 6 -29.11 -19.86 4.87
CA ASN E 6 -30.45 -20.09 4.36
C ASN E 6 -30.84 -19.08 3.27
N HIS E 7 -30.63 -17.79 3.53
CA HIS E 7 -30.87 -16.74 2.51
C HIS E 7 -30.23 -15.43 2.89
N LEU E 8 -30.03 -14.61 1.88
CA LEU E 8 -29.51 -13.26 2.04
C LEU E 8 -30.63 -12.28 1.69
N THR E 9 -31.03 -11.45 2.66
CA THR E 9 -32.04 -10.44 2.42
C THR E 9 -31.35 -9.08 2.32
N LEU E 10 -31.59 -8.38 1.21
CA LEU E 10 -31.10 -7.02 1.05
C LEU E 10 -32.26 -6.03 1.05
N ALA E 11 -32.16 -4.99 1.89
CA ALA E 11 -33.11 -3.86 1.84
C ALA E 11 -32.92 -3.05 0.57
N VAL E 12 -34.03 -2.69 -0.09
CA VAL E 12 -33.94 -1.94 -1.34
C VAL E 12 -34.89 -0.77 -1.29
N SER E 13 -34.62 0.26 -2.09
CA SER E 13 -35.49 1.44 -2.09
C SER E 13 -36.46 1.44 -3.26
N ASP E 14 -36.06 0.77 -4.35
CA ASP E 14 -36.81 0.79 -5.60
C ASP E 14 -36.79 -0.62 -6.17
N LEU E 15 -37.85 -1.34 -5.87
CA LEU E 15 -37.91 -2.76 -6.18
C LEU E 15 -37.70 -3.02 -7.67
N GLN E 16 -38.34 -2.22 -8.50
CA GLN E 16 -38.23 -2.41 -9.95
C GLN E 16 -36.76 -2.31 -10.40
N LYS E 17 -36.08 -1.28 -9.96
CA LYS E 17 -34.71 -1.03 -10.35
C LYS E 17 -33.84 -2.17 -9.86
N SER E 18 -34.12 -2.66 -8.65
CA SER E 18 -33.30 -3.69 -8.04
C SER E 18 -33.48 -5.04 -8.73
N VAL E 19 -34.73 -5.39 -9.04
CA VAL E 19 -35.03 -6.64 -9.74
C VAL E 19 -34.35 -6.63 -11.12
N THR E 20 -34.47 -5.54 -11.86
CA THR E 20 -33.76 -5.43 -13.13
C THR E 20 -32.27 -5.67 -12.94
N PHE E 21 -31.68 -5.10 -11.88
CA PHE E 21 -30.24 -5.23 -11.71
C PHE E 21 -29.86 -6.67 -11.40
N TRP E 22 -30.55 -7.25 -10.44
CA TRP E 22 -30.17 -8.57 -9.96
C TRP E 22 -30.54 -9.70 -10.90
N HIS E 23 -31.64 -9.52 -11.60
CA HIS E 23 -32.15 -10.56 -12.48
C HIS E 23 -31.65 -10.40 -13.91
N GLU E 24 -31.70 -9.19 -14.45
CA GLU E 24 -31.29 -8.99 -15.83
C GLU E 24 -29.80 -8.72 -15.96
N LEU E 25 -29.26 -7.73 -15.25
CA LEU E 25 -27.82 -7.44 -15.31
C LEU E 25 -26.96 -8.58 -14.75
N LEU E 26 -27.26 -9.00 -13.51
CA LEU E 26 -26.47 -10.05 -12.88
C LEU E 26 -26.93 -11.46 -13.28
N GLY E 27 -28.13 -11.55 -13.85
CA GLY E 27 -28.64 -12.82 -14.32
C GLY E 27 -29.10 -13.85 -13.29
N LEU E 28 -29.44 -13.45 -12.07
CA LEU E 28 -30.01 -14.40 -11.12
C LEU E 28 -31.40 -14.86 -11.58
N THR E 29 -31.78 -16.09 -11.22
CA THR E 29 -33.09 -16.59 -11.58
C THR E 29 -34.12 -15.90 -10.69
N LEU E 30 -35.18 -15.39 -11.29
CA LEU E 30 -36.30 -14.84 -10.53
C LEU E 30 -37.38 -15.91 -10.32
N HIS E 31 -37.72 -16.16 -9.06
CA HIS E 31 -38.74 -17.16 -8.71
C HIS E 31 -40.11 -16.54 -8.44
N ALA E 32 -40.11 -15.38 -7.78
CA ALA E 32 -41.37 -14.75 -7.37
C ALA E 32 -41.12 -13.29 -7.07
N ARG E 33 -42.20 -12.54 -7.20
CA ARG E 33 -42.16 -11.11 -7.00
C ARG E 33 -43.52 -10.71 -6.42
N TRP E 34 -43.52 -9.73 -5.52
CA TRP E 34 -44.77 -9.13 -5.08
C TRP E 34 -44.57 -7.62 -4.96
N ASN E 35 -45.54 -6.92 -4.39
CA ASN E 35 -45.45 -5.45 -4.33
C ASN E 35 -44.19 -4.96 -3.60
N THR E 36 -43.73 -5.68 -2.58
CA THR E 36 -42.64 -5.16 -1.75
C THR E 36 -41.46 -6.10 -1.62
N GLY E 37 -41.26 -7.01 -2.57
CA GLY E 37 -40.09 -7.86 -2.54
C GLY E 37 -39.99 -8.79 -3.72
N ALA E 38 -38.89 -9.53 -3.79
CA ALA E 38 -38.71 -10.57 -4.81
C ALA E 38 -37.80 -11.65 -4.26
N TYR E 39 -37.96 -12.87 -4.77
CA TYR E 39 -37.10 -13.98 -4.45
C TYR E 39 -36.29 -14.40 -5.67
N LEU E 40 -34.98 -14.42 -5.49
CA LEU E 40 -34.09 -14.79 -6.56
C LEU E 40 -33.10 -15.87 -6.12
N THR E 41 -32.47 -16.54 -7.08
CA THR E 41 -31.39 -17.45 -6.73
C THR E 41 -30.18 -17.25 -7.57
N CYS E 42 -29.05 -17.48 -6.92
CA CYS E 42 -27.77 -17.58 -7.56
C CYS E 42 -27.19 -18.91 -7.11
N GLY E 43 -27.18 -19.90 -7.99
CA GLY E 43 -26.83 -21.25 -7.55
C GLY E 43 -27.58 -21.57 -6.26
N ASP E 44 -26.86 -22.18 -5.29
CA ASP E 44 -27.50 -22.56 -4.02
C ASP E 44 -27.78 -21.38 -3.04
N LEU E 45 -27.75 -20.13 -3.52
CA LEU E 45 -28.08 -18.93 -2.72
C LEU E 45 -29.48 -18.36 -3.04
N TRP E 46 -30.38 -18.40 -2.04
CA TRP E 46 -31.67 -17.73 -2.07
C TRP E 46 -31.40 -16.27 -1.67
N VAL E 47 -31.70 -15.37 -2.58
CA VAL E 47 -31.56 -13.97 -2.30
C VAL E 47 -32.95 -13.37 -2.24
N CYS E 48 -33.20 -12.59 -1.20
CA CYS E 48 -34.46 -11.88 -1.06
C CYS E 48 -34.24 -10.40 -1.20
N LEU E 49 -34.87 -9.76 -2.17
CA LEU E 49 -34.88 -8.28 -2.24
C LEU E 49 -36.14 -7.80 -1.52
N SER E 50 -35.96 -6.92 -0.54
CA SER E 50 -37.06 -6.52 0.35
C SER E 50 -37.20 -5.00 0.44
N TYR E 51 -38.35 -4.49 0.01
CA TYR E 51 -38.53 -3.07 -0.03
C TYR E 51 -38.51 -2.59 1.40
N ASP E 52 -37.71 -1.57 1.67
CA ASP E 52 -37.60 -1.01 3.00
C ASP E 52 -37.66 0.51 2.89
N GLU E 53 -38.72 1.09 3.43
CA GLU E 53 -38.94 2.52 3.39
C GLU E 53 -37.74 3.31 4.00
N ALA E 54 -36.94 2.62 4.82
CA ALA E 54 -35.82 3.27 5.47
C ALA E 54 -34.59 3.24 4.59
N ARG E 55 -34.63 2.48 3.50
CA ARG E 55 -33.44 2.36 2.67
C ARG E 55 -33.28 3.53 1.69
N GLN E 56 -32.09 4.11 1.70
CA GLN E 56 -31.66 5.05 0.66
C GLN E 56 -30.41 4.49 0.00
N TYR E 57 -30.00 5.13 -1.07
CA TYR E 57 -28.67 4.87 -1.59
C TYR E 57 -27.61 5.21 -0.51
N VAL E 58 -26.78 4.20 -0.22
CA VAL E 58 -25.66 4.40 0.69
C VAL E 58 -24.32 4.50 -0.03
N PRO E 59 -23.73 5.69 -0.05
CA PRO E 59 -22.45 5.88 -0.75
C PRO E 59 -21.40 4.95 -0.12
N PRO E 60 -20.47 4.39 -0.92
CA PRO E 60 -19.50 3.41 -0.39
C PRO E 60 -18.56 4.02 0.66
N GLN E 61 -18.41 5.34 0.71
CA GLN E 61 -17.59 5.97 1.76
C GLN E 61 -18.29 5.87 3.10
N GLU E 62 -19.61 5.73 3.12
CA GLU E 62 -20.35 5.72 4.36
C GLU E 62 -20.75 4.34 4.84
N SER E 63 -20.31 3.30 4.15
CA SER E 63 -20.59 1.97 4.66
C SER E 63 -19.28 1.28 4.84
N ASP E 64 -19.23 0.28 5.69
CA ASP E 64 -17.98 -0.38 5.99
C ASP E 64 -17.76 -1.49 4.99
N TYR E 65 -16.91 -2.43 5.38
CA TYR E 65 -16.35 -3.42 4.48
C TYR E 65 -17.25 -4.64 4.32
N THR E 66 -18.41 -4.68 5.01
CA THR E 66 -19.30 -5.83 4.86
C THR E 66 -19.69 -5.91 3.40
N HIS E 67 -19.50 -7.08 2.78
CA HIS E 67 -19.74 -7.27 1.35
C HIS E 67 -20.04 -8.72 0.97
N TYR E 68 -20.64 -8.87 -0.20
CA TYR E 68 -21.21 -10.12 -0.68
C TYR E 68 -20.49 -10.44 -2.00
N ALA E 69 -19.69 -11.50 -1.99
CA ALA E 69 -18.88 -11.88 -3.11
C ALA E 69 -19.46 -13.13 -3.80
N PHE E 70 -19.35 -13.17 -5.13
CA PHE E 70 -19.97 -14.21 -5.98
C PHE E 70 -18.97 -14.93 -6.87
N THR E 71 -19.08 -16.25 -6.94
CA THR E 71 -18.16 -17.00 -7.77
C THR E 71 -18.46 -16.75 -9.22
N VAL E 72 -17.42 -16.44 -10.01
CA VAL E 72 -17.50 -16.45 -11.47
C VAL E 72 -16.42 -17.38 -12.02
N ALA E 73 -16.68 -18.01 -13.17
CA ALA E 73 -15.66 -18.84 -13.83
C ALA E 73 -14.47 -17.98 -14.24
N GLU E 74 -13.28 -18.57 -14.14
CA GLU E 74 -12.06 -17.87 -14.54
C GLU E 74 -12.24 -17.09 -15.85
N GLU E 75 -12.76 -17.75 -16.88
CA GLU E 75 -12.72 -17.13 -18.19
C GLU E 75 -13.89 -16.19 -18.40
N ASP E 76 -14.73 -16.09 -17.37
CA ASP E 76 -15.89 -15.23 -17.42
C ASP E 76 -15.60 -13.89 -16.73
N PHE E 77 -14.52 -13.82 -15.95
CA PHE E 77 -14.21 -12.65 -15.09
C PHE E 77 -14.08 -11.32 -15.82
N GLU E 78 -13.23 -11.29 -16.85
CA GLU E 78 -13.04 -10.06 -17.59
C GLU E 78 -14.31 -9.63 -18.36
N PRO E 79 -14.92 -10.52 -19.17
CA PRO E 79 -16.13 -10.13 -19.93
C PRO E 79 -17.23 -9.59 -19.04
N LEU E 80 -17.41 -10.18 -17.87
CA LEU E 80 -18.39 -9.69 -16.92
C LEU E 80 -18.02 -8.34 -16.30
N SER E 81 -16.74 -8.17 -15.96
CA SER E 81 -16.23 -6.88 -15.47
C SER E 81 -16.64 -5.81 -16.43
N GLN E 82 -16.36 -6.08 -17.71
CA GLN E 82 -16.59 -5.13 -18.78
C GLN E 82 -18.05 -4.90 -19.07
N ARG E 83 -18.88 -5.92 -18.89
CA ARG E 83 -20.30 -5.76 -19.16
C ARG E 83 -20.88 -4.92 -18.04
N LEU E 84 -20.42 -5.19 -16.81
CA LEU E 84 -20.89 -4.45 -15.64
C LEU E 84 -20.40 -3.01 -15.75
N GLU E 85 -19.12 -2.83 -16.12
CA GLU E 85 -18.58 -1.49 -16.39
C GLU E 85 -19.42 -0.71 -17.43
N GLN E 86 -19.79 -1.36 -18.53
CA GLN E 86 -20.49 -0.68 -19.63
C GLN E 86 -21.94 -0.38 -19.25
N ALA E 87 -22.43 -1.15 -18.30
CA ALA E 87 -23.76 -0.92 -17.78
C ALA E 87 -23.79 0.18 -16.69
N GLY E 88 -22.66 0.80 -16.39
CA GLY E 88 -22.63 1.99 -15.54
C GLY E 88 -22.68 1.67 -14.07
N VAL E 89 -22.18 0.48 -13.73
CA VAL E 89 -22.02 0.04 -12.34
C VAL E 89 -20.96 0.92 -11.68
N THR E 90 -21.07 1.12 -10.36
CA THR E 90 -20.10 1.92 -9.56
C THR E 90 -19.11 0.95 -8.90
N ILE E 91 -17.83 1.21 -9.09
CA ILE E 91 -16.79 0.35 -8.57
C ILE E 91 -16.44 0.97 -7.24
N TRP E 92 -16.39 0.13 -6.19
CA TRP E 92 -16.06 0.70 -4.88
C TRP E 92 -14.64 0.47 -4.38
N LYS E 93 -13.85 -0.29 -5.11
CA LYS E 93 -12.57 -0.69 -4.59
C LYS E 93 -11.71 -1.16 -5.75
N GLN E 94 -10.44 -0.77 -5.73
CA GLN E 94 -9.47 -1.32 -6.64
C GLN E 94 -8.97 -2.66 -6.10
N ASN E 95 -8.92 -3.67 -6.95
CA ASN E 95 -8.27 -4.90 -6.57
C ASN E 95 -6.75 -4.70 -6.51
N LYS E 96 -6.13 -4.94 -5.35
CA LYS E 96 -4.65 -4.86 -5.28
C LYS E 96 -3.97 -6.18 -4.86
N SER E 97 -4.78 -7.25 -4.69
CA SER E 97 -4.34 -8.62 -4.36
C SER E 97 -3.75 -9.54 -5.47
N GLU E 98 -3.85 -9.18 -6.75
CA GLU E 98 -3.30 -10.05 -7.85
C GLU E 98 -3.99 -11.45 -8.10
N GLY E 99 -4.89 -11.87 -7.18
CA GLY E 99 -5.95 -12.83 -7.51
C GLY E 99 -7.06 -12.04 -8.21
N ALA E 100 -8.18 -12.66 -8.58
CA ALA E 100 -9.16 -11.91 -9.36
C ALA E 100 -10.41 -11.47 -8.58
N SER E 101 -10.57 -10.16 -8.36
CA SER E 101 -11.74 -9.62 -7.68
C SER E 101 -12.22 -8.32 -8.30
N PHE E 102 -13.53 -8.16 -8.46
CA PHE E 102 -14.11 -6.94 -9.04
C PHE E 102 -15.22 -6.42 -8.12
N TYR E 103 -15.05 -5.20 -7.62
CA TYR E 103 -15.85 -4.69 -6.51
C TYR E 103 -16.84 -3.62 -6.94
N PHE E 104 -18.13 -3.99 -6.93
CA PHE E 104 -19.12 -3.08 -7.49
C PHE E 104 -20.32 -2.99 -6.57
N LEU E 105 -21.12 -1.94 -6.77
CA LEU E 105 -22.28 -1.69 -5.93
C LEU E 105 -23.60 -2.11 -6.62
N ASP E 106 -24.56 -2.58 -5.81
CA ASP E 106 -25.93 -2.75 -6.30
C ASP E 106 -26.59 -1.36 -6.31
N PRO E 107 -27.77 -1.18 -6.89
CA PRO E 107 -28.34 0.17 -7.02
C PRO E 107 -28.45 0.91 -5.72
N ASP E 108 -28.55 0.20 -4.60
CA ASP E 108 -28.71 0.91 -3.33
C ASP E 108 -27.39 1.10 -2.60
N GLY E 109 -26.31 0.53 -3.13
CA GLY E 109 -25.01 0.69 -2.52
C GLY E 109 -24.59 -0.55 -1.73
N HIS E 110 -25.40 -1.59 -1.74
CA HIS E 110 -24.89 -2.86 -1.22
C HIS E 110 -23.57 -3.21 -1.94
N LYS E 111 -22.55 -3.56 -1.15
CA LYS E 111 -21.23 -3.85 -1.69
C LYS E 111 -21.12 -5.29 -2.17
N LEU E 112 -20.89 -5.44 -3.48
CA LEU E 112 -20.76 -6.76 -4.10
C LEU E 112 -19.38 -6.96 -4.64
N GLU E 113 -19.06 -8.21 -4.95
CA GLU E 113 -17.76 -8.55 -5.48
C GLU E 113 -17.92 -9.73 -6.43
N LEU E 114 -17.25 -9.71 -7.58
CA LEU E 114 -17.05 -10.95 -8.34
C LEU E 114 -15.68 -11.44 -7.95
N HIS E 115 -15.55 -12.75 -7.80
CA HIS E 115 -14.29 -13.29 -7.36
C HIS E 115 -14.19 -14.66 -7.97
N VAL E 116 -12.98 -14.99 -8.38
CA VAL E 116 -12.54 -16.29 -8.87
C VAL E 116 -11.68 -16.85 -7.75
N GLY E 117 -11.89 -18.09 -7.36
CA GLY E 117 -11.11 -18.65 -6.28
C GLY E 117 -11.96 -19.07 -5.11
N SER E 118 -11.70 -20.26 -4.62
CA SER E 118 -12.35 -20.80 -3.44
C SER E 118 -11.62 -20.39 -2.17
N LEU E 119 -12.19 -20.82 -1.04
CA LEU E 119 -11.59 -20.66 0.26
C LEU E 119 -10.29 -21.47 0.33
N ALA E 120 -10.31 -22.70 -0.17
CA ALA E 120 -9.10 -23.54 -0.26
C ALA E 120 -7.91 -22.89 -0.98
N ALA E 121 -8.21 -22.20 -2.09
CA ALA E 121 -7.14 -21.54 -2.85
C ALA E 121 -6.63 -20.35 -2.08
N ARG E 122 -7.55 -19.68 -1.36
CA ARG E 122 -7.12 -18.62 -0.46
C ARG E 122 -6.18 -19.16 0.62
N LEU E 123 -6.60 -20.21 1.30
CA LEU E 123 -5.80 -20.76 2.38
C LEU E 123 -4.42 -21.18 1.87
N ALA E 124 -4.38 -21.83 0.71
CA ALA E 124 -3.09 -22.23 0.09
C ALA E 124 -2.18 -21.03 -0.22
N ALA E 125 -2.74 -19.98 -0.84
CA ALA E 125 -2.03 -18.73 -1.05
C ALA E 125 -1.50 -18.20 0.29
N CYS E 126 -2.36 -18.19 1.31
CA CYS E 126 -1.95 -17.74 2.64
C CYS E 126 -0.85 -18.64 3.24
N ARG E 127 -0.85 -19.95 3.00
CA ARG E 127 0.32 -20.71 3.47
C ARG E 127 1.59 -20.20 2.80
N GLU E 128 1.43 -19.69 1.57
CA GLU E 128 2.55 -19.23 0.75
C GLU E 128 3.07 -17.86 1.21
N LYS E 129 2.18 -16.88 1.35
CA LYS E 129 2.48 -15.60 1.97
C LYS E 129 1.43 -15.35 3.08
N PRO E 130 1.69 -15.82 4.31
CA PRO E 130 0.72 -15.64 5.41
C PRO E 130 0.56 -14.17 5.83
N TYR E 131 -0.65 -13.77 6.25
CA TYR E 131 -0.91 -12.48 6.85
C TYR E 131 -0.27 -12.36 8.23
N ALA E 132 0.01 -11.14 8.68
CA ALA E 132 0.43 -10.92 10.07
C ALA E 132 -0.50 -11.64 11.08
N GLY E 133 0.11 -12.45 11.96
CA GLY E 133 -0.62 -13.14 13.01
C GLY E 133 -1.38 -14.37 12.53
N MET E 134 -1.10 -14.81 11.31
CA MET E 134 -1.85 -15.92 10.76
C MET E 134 -1.64 -17.21 11.51
N VAL E 135 -2.75 -17.85 11.78
CA VAL E 135 -2.80 -19.15 12.42
C VAL E 135 -3.77 -19.96 11.59
N PHE E 136 -3.30 -21.10 11.09
CA PHE E 136 -4.19 -22.07 10.42
C PHE E 136 -4.61 -23.14 11.41
N THR E 137 -5.93 -23.30 11.57
CA THR E 137 -6.50 -24.33 12.45
C THR E 137 -6.02 -25.79 12.16
N SER E 138 -5.17 -25.90 11.15
CA SER E 138 -4.30 -27.07 10.89
C SER E 138 -5.10 -28.08 10.10
N MET F 1 -22.87 -14.62 -15.86
CA MET F 1 -23.43 -15.57 -14.87
C MET F 1 -22.59 -15.70 -13.59
N LEU F 2 -23.28 -15.56 -12.47
CA LEU F 2 -22.70 -15.77 -11.17
C LEU F 2 -23.10 -17.19 -10.78
N GLN F 3 -22.11 -17.98 -10.35
CA GLN F 3 -22.29 -19.39 -10.09
C GLN F 3 -22.92 -19.69 -8.72
N SER F 4 -22.55 -18.91 -7.72
CA SER F 4 -22.99 -19.12 -6.36
C SER F 4 -22.40 -17.98 -5.54
N LEU F 5 -22.81 -17.87 -4.28
CA LEU F 5 -22.16 -16.95 -3.37
C LEU F 5 -20.76 -17.53 -3.15
N ASN F 6 -19.73 -16.68 -3.29
CA ASN F 6 -18.36 -17.10 -3.04
C ASN F 6 -18.00 -16.99 -1.55
N HIS F 7 -18.36 -15.88 -0.95
CA HIS F 7 -18.16 -15.66 0.49
C HIS F 7 -18.94 -14.48 1.02
N LEU F 8 -19.21 -14.52 2.32
CA LEU F 8 -19.88 -13.44 3.02
C LEU F 8 -18.82 -12.80 3.93
N THR F 9 -18.59 -11.51 3.74
CA THR F 9 -17.64 -10.79 4.57
C THR F 9 -18.42 -9.86 5.47
N LEU F 10 -18.18 -9.96 6.78
CA LEU F 10 -18.78 -9.05 7.74
C LEU F 10 -17.69 -8.20 8.39
N ALA F 11 -17.93 -6.88 8.43
CA ALA F 11 -17.05 -5.95 9.15
C ALA F 11 -17.26 -6.13 10.64
N VAL F 12 -16.16 -6.24 11.40
CA VAL F 12 -16.27 -6.38 12.86
C VAL F 12 -15.35 -5.38 13.55
N SER F 13 -15.65 -5.08 14.81
CA SER F 13 -14.86 -4.11 15.59
C SER F 13 -13.92 -4.76 16.57
N ASP F 14 -14.26 -5.96 17.03
CA ASP F 14 -13.45 -6.70 17.98
C ASP F 14 -13.37 -8.15 17.55
N LEU F 15 -12.26 -8.49 16.91
CA LEU F 15 -12.09 -9.77 16.24
C LEU F 15 -12.27 -10.93 17.23
N GLN F 16 -11.67 -10.80 18.40
CA GLN F 16 -11.76 -11.82 19.45
C GLN F 16 -13.21 -12.11 19.82
N LYS F 17 -13.99 -11.08 20.12
CA LYS F 17 -15.38 -11.27 20.49
C LYS F 17 -16.16 -11.89 19.36
N SER F 18 -15.85 -11.48 18.12
CA SER F 18 -16.60 -11.97 16.97
C SER F 18 -16.31 -13.43 16.68
N VAL F 19 -15.05 -13.82 16.79
CA VAL F 19 -14.67 -15.21 16.55
C VAL F 19 -15.31 -16.10 17.64
N THR F 20 -15.27 -15.68 18.90
CA THR F 20 -15.93 -16.46 19.95
C THR F 20 -17.41 -16.65 19.64
N PHE F 21 -18.08 -15.59 19.18
CA PHE F 21 -19.49 -15.65 18.89
C PHE F 21 -19.79 -16.62 17.73
N TRP F 22 -19.09 -16.44 16.60
CA TRP F 22 -19.37 -17.19 15.39
C TRP F 22 -18.87 -18.61 15.43
N HIS F 23 -17.70 -18.79 16.05
CA HIS F 23 -17.12 -20.09 16.15
C HIS F 23 -17.66 -20.90 17.33
N GLU F 24 -17.77 -20.29 18.51
CA GLU F 24 -18.10 -21.09 19.71
C GLU F 24 -19.59 -21.11 19.98
N LEU F 25 -20.21 -19.93 20.00
CA LEU F 25 -21.65 -19.82 20.18
C LEU F 25 -22.47 -20.36 18.98
N LEU F 26 -22.14 -19.95 17.76
CA LEU F 26 -22.87 -20.42 16.60
C LEU F 26 -22.30 -21.73 16.01
N GLY F 27 -21.09 -22.09 16.43
CA GLY F 27 -20.48 -23.35 16.01
C GLY F 27 -19.91 -23.44 14.58
N LEU F 28 -19.67 -22.31 13.92
CA LEU F 28 -19.04 -22.36 12.60
C LEU F 28 -17.65 -22.93 12.75
N THR F 29 -17.19 -23.65 11.74
CA THR F 29 -15.84 -24.16 11.80
C THR F 29 -14.79 -23.09 11.37
N LEU F 30 -13.76 -22.94 12.19
CA LEU F 30 -12.71 -21.94 12.03
C LEU F 30 -11.61 -22.57 11.21
N HIS F 31 -11.23 -21.92 10.10
CA HIS F 31 -10.15 -22.44 9.24
C HIS F 31 -8.84 -21.68 9.40
N ALA F 32 -8.93 -20.36 9.56
CA ALA F 32 -7.74 -19.56 9.74
C ALA F 32 -8.09 -18.28 10.44
N ARG F 33 -7.08 -17.70 11.04
CA ARG F 33 -7.25 -16.47 11.79
C ARG F 33 -5.96 -15.69 11.63
N TRP F 34 -6.08 -14.36 11.60
CA TRP F 34 -4.89 -13.53 11.57
C TRP F 34 -5.18 -12.27 12.39
N ASN F 35 -4.30 -11.28 12.38
CA ASN F 35 -4.47 -10.14 13.25
C ASN F 35 -5.75 -9.40 12.99
N THR F 36 -6.18 -9.34 11.73
CA THR F 36 -7.32 -8.51 11.36
C THR F 36 -8.43 -9.25 10.64
N GLY F 37 -8.47 -10.57 10.79
CA GLY F 37 -9.57 -11.32 10.25
C GLY F 37 -9.62 -12.77 10.64
N ALA F 38 -10.61 -13.47 10.07
CA ALA F 38 -10.82 -14.88 10.35
C ALA F 38 -11.61 -15.47 9.21
N TYR F 39 -11.28 -16.71 8.85
CA TYR F 39 -12.06 -17.42 7.85
C TYR F 39 -12.79 -18.58 8.49
N LEU F 40 -14.10 -18.59 8.32
CA LEU F 40 -14.91 -19.63 8.92
C LEU F 40 -15.79 -20.24 7.88
N THR F 41 -16.46 -21.30 8.27
CA THR F 41 -17.24 -22.07 7.34
C THR F 41 -18.57 -22.47 7.97
N CYS F 42 -19.66 -22.29 7.23
CA CYS F 42 -20.98 -22.72 7.59
C CYS F 42 -21.50 -23.62 6.46
N GLY F 43 -21.60 -24.93 6.68
CA GLY F 43 -21.84 -25.82 5.57
C GLY F 43 -20.76 -25.59 4.53
N ASP F 44 -21.18 -25.37 3.28
CA ASP F 44 -20.22 -25.17 2.20
C ASP F 44 -19.79 -23.69 2.05
N LEU F 45 -20.32 -22.82 2.89
CA LEU F 45 -20.05 -21.38 2.75
C LEU F 45 -18.90 -20.78 3.57
N TRP F 46 -18.13 -19.97 2.86
CA TRP F 46 -16.96 -19.24 3.32
C TRP F 46 -17.43 -17.91 3.93
N VAL F 47 -17.20 -17.77 5.23
CA VAL F 47 -17.59 -16.60 5.97
C VAL F 47 -16.27 -15.95 6.39
N CYS F 48 -16.14 -14.65 6.08
CA CYS F 48 -14.97 -13.88 6.49
C CYS F 48 -15.38 -12.80 7.48
N LEU F 49 -14.76 -12.85 8.65
CA LEU F 49 -14.87 -11.80 9.63
C LEU F 49 -13.68 -10.84 9.45
N SER F 50 -13.96 -9.58 9.15
CA SER F 50 -12.88 -8.66 8.78
C SER F 50 -12.85 -7.43 9.67
N TYR F 51 -11.74 -7.22 10.37
CA TYR F 51 -11.67 -6.09 11.28
C TYR F 51 -11.73 -4.84 10.45
N ASP F 52 -12.64 -3.94 10.81
CA ASP F 52 -12.73 -2.65 10.12
C ASP F 52 -12.76 -1.54 11.18
N GLU F 53 -11.72 -0.72 11.21
CA GLU F 53 -11.60 0.47 12.07
C GLU F 53 -12.91 1.32 12.14
N ALA F 54 -13.68 1.30 11.06
CA ALA F 54 -14.86 2.14 10.96
C ALA F 54 -16.13 1.44 11.54
N ARG F 55 -16.01 0.16 11.88
CA ARG F 55 -17.15 -0.58 12.42
C ARG F 55 -17.37 -0.25 13.90
N GLN F 56 -18.58 0.18 14.22
CA GLN F 56 -19.05 0.29 15.59
C GLN F 56 -20.30 -0.60 15.71
N TYR F 57 -20.78 -0.77 16.93
CA TYR F 57 -22.06 -1.45 17.12
C TYR F 57 -23.19 -0.61 16.44
N VAL F 58 -24.02 -1.25 15.61
CA VAL F 58 -25.14 -0.59 14.97
C VAL F 58 -26.38 -1.21 15.59
N PRO F 59 -27.09 -0.44 16.39
CA PRO F 59 -28.27 -0.95 17.07
C PRO F 59 -29.35 -1.21 16.01
N PRO F 60 -30.29 -2.11 16.27
CA PRO F 60 -31.20 -2.58 15.19
C PRO F 60 -32.20 -1.47 14.81
N GLN F 61 -32.36 -0.44 15.64
CA GLN F 61 -33.21 0.69 15.28
C GLN F 61 -32.56 1.51 14.19
N GLU F 62 -31.24 1.37 14.06
CA GLU F 62 -30.46 2.22 13.17
C GLU F 62 -30.16 1.53 11.85
N SER F 63 -30.24 0.20 11.79
CA SER F 63 -29.96 -0.49 10.53
C SER F 63 -31.27 -0.89 9.84
N ASP F 64 -31.20 -1.05 8.52
CA ASP F 64 -32.38 -1.45 7.78
C ASP F 64 -32.52 -2.97 7.84
N TYR F 65 -33.44 -3.50 7.02
CA TYR F 65 -33.86 -4.88 7.10
C TYR F 65 -32.84 -5.86 6.54
N THR F 66 -31.78 -5.36 5.88
CA THR F 66 -30.74 -6.27 5.38
C THR F 66 -30.40 -7.27 6.48
N HIS F 67 -30.45 -8.57 6.20
CA HIS F 67 -30.08 -9.57 7.21
C HIS F 67 -29.61 -10.89 6.60
N TYR F 68 -29.09 -11.80 7.44
CA TYR F 68 -28.43 -13.01 7.00
C TYR F 68 -29.05 -14.14 7.74
N ALA F 69 -29.63 -15.09 7.01
CA ALA F 69 -30.39 -16.14 7.65
C ALA F 69 -29.69 -17.48 7.44
N PHE F 70 -29.74 -18.30 8.48
CA PHE F 70 -28.95 -19.52 8.57
C PHE F 70 -29.87 -20.70 8.80
N THR F 71 -29.73 -21.74 7.99
CA THR F 71 -30.55 -22.92 8.12
C THR F 71 -30.26 -23.70 9.41
N VAL F 72 -31.31 -24.19 10.04
CA VAL F 72 -31.18 -25.19 11.09
C VAL F 72 -32.24 -26.25 10.86
N ALA F 73 -31.87 -27.50 11.14
CA ALA F 73 -32.76 -28.66 11.22
C ALA F 73 -33.91 -28.32 12.14
N GLU F 74 -35.12 -28.81 11.81
CA GLU F 74 -36.33 -28.49 12.57
C GLU F 74 -36.20 -28.79 14.06
N GLU F 75 -35.59 -29.94 14.37
CA GLU F 75 -35.51 -30.45 15.75
C GLU F 75 -34.74 -29.47 16.60
N ASP F 76 -33.73 -28.87 15.98
CA ASP F 76 -32.78 -28.01 16.65
C ASP F 76 -33.25 -26.60 16.76
N PHE F 77 -34.28 -26.23 16.01
CA PHE F 77 -34.72 -24.85 16.04
C PHE F 77 -34.87 -24.32 17.44
N GLU F 78 -35.78 -24.94 18.20
CA GLU F 78 -36.11 -24.54 19.56
C GLU F 78 -34.90 -24.54 20.48
N PRO F 79 -34.14 -25.64 20.57
CA PRO F 79 -32.93 -25.69 21.42
C PRO F 79 -31.94 -24.59 21.16
N LEU F 80 -31.66 -24.37 19.88
CA LEU F 80 -30.78 -23.32 19.40
C LEU F 80 -31.27 -21.95 19.81
N SER F 81 -32.55 -21.65 19.56
CA SER F 81 -33.17 -20.40 20.03
C SER F 81 -32.88 -20.22 21.53
N GLN F 82 -33.19 -21.26 22.30
CA GLN F 82 -32.98 -21.27 23.73
C GLN F 82 -31.50 -21.09 24.12
N ARG F 83 -30.57 -21.70 23.37
CA ARG F 83 -29.14 -21.61 23.70
C ARG F 83 -28.68 -20.14 23.58
N LEU F 84 -29.12 -19.51 22.49
CA LEU F 84 -28.93 -18.11 22.19
C LEU F 84 -29.63 -17.14 23.17
N GLU F 85 -30.88 -17.40 23.54
CA GLU F 85 -31.52 -16.62 24.58
C GLU F 85 -30.78 -16.77 25.91
N GLN F 86 -30.23 -17.95 26.19
CA GLN F 86 -29.48 -18.16 27.42
C GLN F 86 -28.19 -17.34 27.45
N ALA F 87 -27.71 -16.95 26.27
CA ALA F 87 -26.45 -16.25 26.19
C ALA F 87 -26.69 -14.73 26.13
N GLY F 88 -27.96 -14.32 26.26
CA GLY F 88 -28.32 -12.91 26.35
C GLY F 88 -28.27 -12.12 25.05
N VAL F 89 -28.51 -12.80 23.95
CA VAL F 89 -28.42 -12.23 22.63
C VAL F 89 -29.50 -11.17 22.50
N THR F 90 -29.30 -10.14 21.68
CA THR F 90 -30.40 -9.21 21.41
C THR F 90 -31.32 -9.71 20.28
N ILE F 91 -32.62 -9.62 20.48
CA ILE F 91 -33.68 -10.02 19.55
C ILE F 91 -34.13 -8.79 18.78
N TRP F 92 -34.03 -8.76 17.46
CA TRP F 92 -34.40 -7.53 16.75
C TRP F 92 -35.73 -7.58 16.05
N LYS F 93 -36.38 -8.73 16.07
CA LYS F 93 -37.70 -8.90 15.49
C LYS F 93 -38.37 -10.05 16.23
N GLN F 94 -39.65 -9.88 16.51
CA GLN F 94 -40.47 -10.97 17.04
C GLN F 94 -41.20 -11.57 15.85
N ASN F 95 -41.06 -12.88 15.62
CA ASN F 95 -41.84 -13.53 14.55
C ASN F 95 -43.35 -13.63 14.89
N LYS F 96 -44.16 -12.90 14.10
CA LYS F 96 -45.56 -12.52 14.43
C LYS F 96 -46.70 -13.55 14.10
N SER F 97 -46.60 -14.26 12.96
CA SER F 97 -47.48 -15.43 12.68
C SER F 97 -46.67 -16.72 12.89
N GLU F 98 -46.78 -17.24 14.13
CA GLU F 98 -45.73 -18.05 14.81
C GLU F 98 -45.00 -19.09 13.92
N GLY F 99 -44.05 -18.56 13.12
CA GLY F 99 -43.23 -19.29 12.16
C GLY F 99 -41.82 -19.52 12.70
N ALA F 100 -41.10 -20.46 12.07
CA ALA F 100 -39.81 -20.92 12.61
C ALA F 100 -38.62 -20.06 12.15
N SER F 101 -38.58 -18.85 12.72
CA SER F 101 -37.53 -17.87 12.49
C SER F 101 -37.26 -17.15 13.79
N PHE F 102 -35.99 -17.08 14.15
CA PHE F 102 -35.51 -16.46 15.38
C PHE F 102 -34.49 -15.41 14.97
N TYR F 103 -34.72 -14.16 15.33
CA TYR F 103 -33.96 -13.01 14.80
C TYR F 103 -33.06 -12.42 15.88
N PHE F 104 -31.75 -12.47 15.67
CA PHE F 104 -30.83 -12.04 16.72
C PHE F 104 -29.59 -11.31 16.16
N LEU F 105 -28.95 -10.51 17.01
CA LEU F 105 -27.78 -9.74 16.59
C LEU F 105 -26.44 -10.37 16.96
N ASP F 106 -25.46 -10.14 16.12
CA ASP F 106 -24.09 -10.59 16.34
C ASP F 106 -23.40 -9.47 17.14
N PRO F 107 -22.17 -9.68 17.63
CA PRO F 107 -21.56 -8.69 18.54
C PRO F 107 -21.43 -7.26 17.99
N ASP F 108 -21.56 -7.04 16.68
CA ASP F 108 -21.48 -5.69 16.15
C ASP F 108 -22.81 -5.18 15.67
N GLY F 109 -23.85 -5.97 15.92
CA GLY F 109 -25.19 -5.58 15.54
C GLY F 109 -25.59 -6.06 14.14
N HIS F 110 -24.78 -6.90 13.49
CA HIS F 110 -25.23 -7.53 12.24
C HIS F 110 -26.52 -8.31 12.50
N LYS F 111 -27.52 -8.14 11.62
CA LYS F 111 -28.85 -8.73 11.80
C LYS F 111 -28.87 -10.14 11.27
N LEU F 112 -29.02 -11.10 12.19
CA LEU F 112 -28.96 -12.54 11.89
C LEU F 112 -30.31 -13.16 12.11
N GLU F 113 -30.49 -14.33 11.50
CA GLU F 113 -31.73 -15.08 11.60
C GLU F 113 -31.48 -16.59 11.61
N LEU F 114 -32.14 -17.33 12.49
CA LEU F 114 -32.24 -18.78 12.33
C LEU F 114 -33.57 -19.07 11.68
N HIS F 115 -33.50 -19.78 10.57
CA HIS F 115 -34.63 -20.17 9.79
C HIS F 115 -34.59 -21.66 9.51
N VAL F 116 -35.77 -22.26 9.67
CA VAL F 116 -36.09 -23.63 9.28
C VAL F 116 -36.93 -23.55 7.99
N GLY F 117 -36.48 -24.24 6.93
CA GLY F 117 -37.24 -24.24 5.69
C GLY F 117 -36.49 -23.69 4.49
N SER F 118 -36.67 -24.40 3.39
CA SER F 118 -36.11 -24.05 2.07
C SER F 118 -36.88 -22.95 1.35
N LEU F 119 -36.33 -22.52 0.21
CA LEU F 119 -37.05 -21.63 -0.68
C LEU F 119 -38.31 -22.32 -1.26
N ALA F 120 -38.27 -23.65 -1.41
CA ALA F 120 -39.45 -24.31 -1.91
C ALA F 120 -40.56 -24.18 -0.88
N ALA F 121 -40.22 -24.44 0.39
CA ALA F 121 -41.22 -24.35 1.44
C ALA F 121 -41.79 -22.93 1.50
N ARG F 122 -40.91 -21.92 1.35
CA ARG F 122 -41.34 -20.55 1.36
C ARG F 122 -42.30 -20.22 0.22
N LEU F 123 -42.06 -20.79 -0.97
CA LEU F 123 -42.91 -20.57 -2.16
C LEU F 123 -44.24 -21.25 -1.97
N ALA F 124 -44.21 -22.47 -1.43
CA ALA F 124 -45.42 -23.18 -1.07
C ALA F 124 -46.19 -22.34 -0.06
N ALA F 125 -45.48 -21.73 0.90
CA ALA F 125 -46.11 -20.91 1.92
C ALA F 125 -46.86 -19.70 1.32
N CYS F 126 -46.19 -18.98 0.43
CA CYS F 126 -46.84 -17.97 -0.40
C CYS F 126 -47.98 -18.50 -1.31
N ARG F 127 -47.91 -19.73 -1.82
CA ARG F 127 -49.05 -20.21 -2.62
C ARG F 127 -50.27 -20.30 -1.73
N GLU F 128 -50.06 -20.69 -0.48
CA GLU F 128 -51.11 -20.79 0.51
C GLU F 128 -51.66 -19.41 0.85
N LYS F 129 -50.77 -18.44 1.05
CA LYS F 129 -51.22 -17.10 1.43
C LYS F 129 -50.32 -16.01 0.79
N PRO F 130 -50.68 -15.60 -0.42
CA PRO F 130 -49.86 -14.66 -1.21
C PRO F 130 -49.82 -13.26 -0.61
N TYR F 131 -48.64 -12.64 -0.74
CA TYR F 131 -48.49 -11.22 -0.52
C TYR F 131 -49.25 -10.45 -1.60
N ALA F 132 -49.48 -9.15 -1.36
CA ALA F 132 -50.09 -8.30 -2.36
C ALA F 132 -49.25 -8.26 -3.65
N GLY F 133 -49.88 -8.48 -4.79
CA GLY F 133 -49.23 -8.28 -6.08
C GLY F 133 -48.31 -9.41 -6.49
N MET F 134 -48.43 -10.51 -5.75
CA MET F 134 -47.59 -11.66 -5.89
C MET F 134 -47.75 -12.33 -7.26
N VAL F 135 -46.63 -12.71 -7.82
CA VAL F 135 -46.56 -13.30 -9.14
C VAL F 135 -45.48 -14.36 -9.03
N PHE F 136 -45.82 -15.60 -9.29
CA PHE F 136 -44.83 -16.69 -9.26
C PHE F 136 -44.37 -16.93 -10.67
N THR F 137 -43.09 -17.26 -10.84
CA THR F 137 -42.57 -17.45 -12.18
C THR F 137 -43.15 -18.65 -13.01
N SER F 138 -44.17 -19.34 -12.52
CA SER F 138 -45.00 -20.21 -13.42
C SER F 138 -46.43 -19.66 -13.67
#